data_5RAP
#
_entry.id   5RAP
#
_cell.length_a   57.490
_cell.length_b   93.600
_cell.length_c   93.190
_cell.angle_alpha   90.000
_cell.angle_beta   107.690
_cell.angle_gamma   90.000
#
_symmetry.space_group_name_H-M   'P 1 21 1'
#
loop_
_entity.id
_entity.type
_entity.pdbx_description
1 polymer 'Lysine-specific demethylase 3B'
2 non-polymer (3~{a}~{R},7~{a}~{R})-4-(4-methoxyphenyl)-2,3,3~{a},6,7,7~{a}-hexahydrothieno[3,2-c]pyridine
3 non-polymer 'CHLORIDE ION'
4 non-polymer 'MANGANESE (II) ION'
5 water water
#
_entity_poly.entity_id   1
_entity_poly.type   'polypeptide(L)'
_entity_poly.pdbx_seq_one_letter_code
;MHHHHHHSSGVDLGTENLYFQSMTSHSWLCDGRLLCLHDPSNKNNWKIFRECWKQGQPVLVSGVHKKLKSELWKPEAFSQ
EFGDQDVDLVNCRNCAIISDVKVRDFWDGFEIICKRLRSEDGQPMVLKLKDWPPGEDFRDMMPTRFEDLMENLPLPEYTK
RDGRLNLASRLPSYFVRPDLGPKMYNAYGLITAEDRRVGTTNLHLDVSDAVNVMVYVGIPIGEGAHDEEVLKTIDEGDAD
EVTKERIHDHKEKPGALWHIYAAKDAEKIRELLRKVGEEQGQENPPDHDPIHDQSWYLDQTLRKRLYEEYGVQGWAIVQF
LGDAVFIPAGAPHQVHNLYSCIKVAEDFVSPEHVKHCFRLTQEFRHLSNTHT
;
_entity_poly.pdbx_strand_id   A,B
#
loop_
_chem_comp.id
_chem_comp.type
_chem_comp.name
_chem_comp.formula
CL non-polymer 'CHLORIDE ION' 'Cl -1'
MN non-polymer 'MANGANESE (II) ION' 'Mn 2'
S64 non-polymer (3~{a}~{R},7~{a}~{R})-4-(4-methoxyphenyl)-2,3,3~{a},6,7,7~{a}-hexahydrothieno[3,2-c]pyridine 'C14 H17 N O S'
#
# COMPACT_ATOMS: atom_id res chain seq x y z
N SER A 22 -33.43 23.48 -31.33
CA SER A 22 -33.01 22.37 -32.25
C SER A 22 -31.97 21.50 -31.54
N MET A 23 -31.87 20.24 -31.95
CA MET A 23 -30.84 19.28 -31.47
C MET A 23 -29.47 19.72 -32.02
N THR A 24 -28.43 19.65 -31.18
CA THR A 24 -27.03 19.99 -31.56
C THR A 24 -26.07 18.91 -31.03
N SER A 25 -24.93 18.73 -31.70
CA SER A 25 -23.83 17.82 -31.33
C SER A 25 -23.32 18.16 -29.91
N HIS A 26 -23.23 19.44 -29.55
CA HIS A 26 -22.54 19.88 -28.31
C HIS A 26 -22.82 21.35 -28.02
N SER A 27 -22.38 21.78 -26.83
CA SER A 27 -22.38 23.16 -26.32
C SER A 27 -21.19 23.33 -25.36
N TRP A 28 -21.03 24.53 -24.81
CA TRP A 28 -19.90 24.91 -23.92
C TRP A 28 -20.49 25.35 -22.56
N LEU A 29 -19.85 24.93 -21.48
CA LEU A 29 -20.14 25.42 -20.13
C LEU A 29 -18.86 26.09 -19.60
N CYS A 30 -18.90 26.52 -18.35
CA CYS A 30 -17.72 27.17 -17.71
C CYS A 30 -17.19 28.28 -18.63
N ASP A 31 -18.09 29.07 -19.22
CA ASP A 31 -17.80 30.22 -20.12
C ASP A 31 -16.90 29.76 -21.29
N GLY A 32 -17.16 28.61 -21.90
CA GLY A 32 -16.38 28.11 -23.05
C GLY A 32 -15.24 27.17 -22.68
N ARG A 33 -14.93 26.98 -21.40
CA ARG A 33 -13.77 26.13 -20.97
C ARG A 33 -14.17 24.64 -20.82
N LEU A 34 -15.44 24.26 -20.90
CA LEU A 34 -15.89 22.86 -20.69
C LEU A 34 -16.76 22.39 -21.87
N LEU A 35 -16.32 21.36 -22.59
CA LEU A 35 -17.13 20.68 -23.62
C LEU A 35 -18.29 19.92 -22.97
N CYS A 36 -19.51 20.10 -23.50
N CYS A 36 -19.49 20.05 -23.56
CA CYS A 36 -20.73 19.29 -23.16
CA CYS A 36 -20.73 19.31 -23.20
C CYS A 36 -21.28 18.61 -24.43
C CYS A 36 -21.30 18.61 -24.43
N LEU A 37 -21.02 17.31 -24.58
CA LEU A 37 -21.56 16.48 -25.69
C LEU A 37 -23.01 16.12 -25.34
N HIS A 38 -23.93 16.15 -26.32
CA HIS A 38 -25.40 16.01 -26.07
C HIS A 38 -25.95 14.62 -26.35
N ASP A 39 -25.22 13.82 -27.10
CA ASP A 39 -25.66 12.51 -27.66
C ASP A 39 -24.68 11.44 -27.19
N PRO A 40 -24.95 10.72 -26.07
CA PRO A 40 -23.95 9.83 -25.48
C PRO A 40 -23.44 8.66 -26.36
N SER A 41 -24.16 8.26 -27.40
CA SER A 41 -23.85 7.06 -28.21
C SER A 41 -23.38 7.41 -29.64
N ASN A 42 -23.19 8.69 -29.96
CA ASN A 42 -22.83 9.10 -31.34
C ASN A 42 -21.38 8.71 -31.64
N LYS A 43 -21.17 7.93 -32.71
CA LYS A 43 -19.85 7.37 -33.12
C LYS A 43 -18.86 8.50 -33.46
N ASN A 44 -19.33 9.75 -33.64
CA ASN A 44 -18.51 10.92 -34.06
C ASN A 44 -17.94 11.67 -32.84
N ASN A 45 -18.40 11.37 -31.62
CA ASN A 45 -18.06 12.14 -30.39
C ASN A 45 -16.54 12.31 -30.24
N TRP A 46 -15.75 11.29 -30.58
CA TRP A 46 -14.26 11.32 -30.47
C TRP A 46 -13.67 12.51 -31.24
N LYS A 47 -14.29 12.89 -32.37
CA LYS A 47 -13.78 13.98 -33.26
C LYS A 47 -13.75 15.32 -32.52
N ILE A 48 -14.68 15.54 -31.57
CA ILE A 48 -14.78 16.77 -30.72
C ILE A 48 -14.06 16.53 -29.38
N PHE A 49 -14.23 15.35 -28.78
CA PHE A 49 -13.74 14.98 -27.43
C PHE A 49 -12.22 15.10 -27.35
N ARG A 50 -11.51 14.68 -28.41
N ARG A 50 -11.48 14.67 -28.36
CA ARG A 50 -10.07 14.31 -28.32
CA ARG A 50 -10.04 14.31 -28.20
C ARG A 50 -9.17 15.54 -28.13
C ARG A 50 -9.14 15.56 -28.11
N GLU A 51 -9.44 16.67 -28.78
CA GLU A 51 -8.61 17.90 -28.62
C GLU A 51 -8.75 18.45 -27.19
N CYS A 52 -9.97 18.52 -26.66
CA CYS A 52 -10.20 18.98 -25.26
C CYS A 52 -9.46 18.05 -24.28
N TRP A 53 -9.54 16.76 -24.50
CA TRP A 53 -8.91 15.76 -23.60
C TRP A 53 -7.38 15.90 -23.64
N LYS A 54 -6.80 16.07 -24.84
CA LYS A 54 -5.32 16.17 -24.99
C LYS A 54 -4.83 17.39 -24.19
N GLN A 55 -5.64 18.44 -24.04
CA GLN A 55 -5.25 19.68 -23.31
C GLN A 55 -5.43 19.52 -21.79
N GLY A 56 -5.85 18.37 -21.29
CA GLY A 56 -5.98 18.16 -19.83
C GLY A 56 -7.27 18.70 -19.25
N GLN A 57 -8.30 18.92 -20.08
CA GLN A 57 -9.64 19.40 -19.63
C GLN A 57 -10.55 18.23 -19.27
N PRO A 58 -11.40 18.39 -18.23
CA PRO A 58 -12.52 17.47 -18.00
C PRO A 58 -13.52 17.71 -19.12
N VAL A 59 -14.43 16.74 -19.33
CA VAL A 59 -15.51 16.78 -20.36
C VAL A 59 -16.80 16.28 -19.69
N LEU A 60 -17.96 16.82 -20.10
CA LEU A 60 -19.29 16.39 -19.62
C LEU A 60 -20.05 15.78 -20.81
N VAL A 61 -20.70 14.62 -20.59
CA VAL A 61 -21.62 14.03 -21.61
C VAL A 61 -23.01 13.87 -20.96
N SER A 62 -24.04 14.48 -21.54
CA SER A 62 -25.40 14.45 -20.95
C SER A 62 -26.23 13.36 -21.64
N GLY A 63 -27.28 12.88 -20.95
CA GLY A 63 -28.36 12.06 -21.56
C GLY A 63 -28.17 10.57 -21.37
N VAL A 64 -27.20 10.11 -20.56
CA VAL A 64 -26.88 8.67 -20.36
C VAL A 64 -28.05 7.94 -19.66
N HIS A 65 -28.85 8.62 -18.83
CA HIS A 65 -30.03 8.05 -18.11
C HIS A 65 -31.07 7.52 -19.12
N LYS A 66 -31.23 8.17 -20.27
CA LYS A 66 -32.21 7.74 -21.31
C LYS A 66 -31.76 6.42 -21.98
N LYS A 67 -30.52 5.97 -21.80
CA LYS A 67 -30.00 4.71 -22.40
C LYS A 67 -30.12 3.53 -21.41
N LEU A 68 -30.34 3.81 -20.13
CA LEU A 68 -30.25 2.81 -19.04
C LEU A 68 -31.66 2.20 -18.78
N LYS A 69 -31.70 1.04 -18.14
CA LYS A 69 -32.98 0.43 -17.65
C LYS A 69 -33.26 1.01 -16.26
N SER A 70 -34.14 2.00 -16.17
CA SER A 70 -34.28 2.89 -14.99
C SER A 70 -34.70 2.11 -13.73
N GLU A 71 -35.38 0.96 -13.88
CA GLU A 71 -35.83 0.07 -12.76
C GLU A 71 -34.63 -0.57 -12.04
N LEU A 72 -33.49 -0.74 -12.72
CA LEU A 72 -32.27 -1.34 -12.12
C LEU A 72 -31.53 -0.37 -11.18
N TRP A 73 -31.86 0.92 -11.18
CA TRP A 73 -31.03 1.96 -10.49
C TRP A 73 -31.83 2.67 -9.40
N LYS A 74 -32.84 2.02 -8.81
CA LYS A 74 -33.72 2.65 -7.78
C LYS A 74 -33.24 2.23 -6.41
N PRO A 75 -33.20 3.15 -5.42
CA PRO A 75 -32.81 2.79 -4.05
C PRO A 75 -33.66 1.67 -3.41
N GLU A 76 -34.97 1.67 -3.64
CA GLU A 76 -35.88 0.61 -3.11
C GLU A 76 -35.42 -0.78 -3.57
N ALA A 77 -34.95 -0.93 -4.83
CA ALA A 77 -34.53 -2.24 -5.36
C ALA A 77 -33.22 -2.67 -4.70
N PHE A 78 -32.27 -1.75 -4.50
CA PHE A 78 -31.00 -2.07 -3.79
C PHE A 78 -31.33 -2.56 -2.36
N SER A 79 -32.24 -1.91 -1.64
CA SER A 79 -32.65 -2.31 -0.27
C SER A 79 -33.25 -3.73 -0.29
N GLN A 80 -34.21 -3.98 -1.17
CA GLN A 80 -34.95 -5.26 -1.28
C GLN A 80 -33.96 -6.39 -1.57
N GLU A 81 -32.99 -6.18 -2.47
CA GLU A 81 -32.13 -7.27 -3.00
C GLU A 81 -30.92 -7.50 -2.09
N PHE A 82 -30.40 -6.48 -1.40
CA PHE A 82 -29.06 -6.56 -0.76
C PHE A 82 -29.11 -6.11 0.70
N GLY A 83 -30.31 -5.82 1.21
CA GLY A 83 -30.50 -5.08 2.48
C GLY A 83 -29.86 -5.73 3.69
N ASP A 84 -29.65 -7.06 3.67
CA ASP A 84 -29.10 -7.83 4.83
C ASP A 84 -27.57 -7.81 4.88
N GLN A 85 -26.87 -7.23 3.91
CA GLN A 85 -25.38 -7.16 3.93
C GLN A 85 -24.91 -6.17 5.00
N ASP A 86 -23.78 -6.46 5.65
CA ASP A 86 -23.14 -5.62 6.69
C ASP A 86 -22.18 -4.60 6.04
N VAL A 87 -22.16 -3.35 6.52
CA VAL A 87 -21.41 -2.24 5.87
C VAL A 87 -21.00 -1.28 6.96
N ASP A 88 -20.09 -0.37 6.64
CA ASP A 88 -19.83 0.86 7.42
C ASP A 88 -20.35 2.06 6.64
N LEU A 89 -20.75 3.11 7.36
CA LEU A 89 -21.17 4.42 6.81
C LEU A 89 -20.21 5.47 7.35
N VAL A 90 -20.15 6.64 6.72
CA VAL A 90 -19.49 7.85 7.29
C VAL A 90 -20.53 8.93 7.53
N ASN A 91 -20.46 9.62 8.67
CA ASN A 91 -21.19 10.89 8.93
C ASN A 91 -20.44 12.03 8.22
N CYS A 92 -21.04 12.63 7.16
CA CYS A 92 -20.35 13.61 6.29
C CYS A 92 -20.06 14.92 7.03
N ARG A 93 -20.80 15.24 8.08
CA ARG A 93 -20.66 16.51 8.83
C ARG A 93 -19.38 16.50 9.69
N ASN A 94 -18.91 15.34 10.16
CA ASN A 94 -17.81 15.25 11.16
C ASN A 94 -16.85 14.10 10.88
N CYS A 95 -17.03 13.32 9.82
CA CYS A 95 -16.14 12.19 9.40
C CYS A 95 -16.15 10.98 10.37
N ALA A 96 -17.06 10.90 11.33
CA ALA A 96 -17.18 9.73 12.23
C ALA A 96 -17.61 8.50 11.43
N ILE A 97 -17.07 7.33 11.75
CA ILE A 97 -17.47 6.05 11.08
C ILE A 97 -18.59 5.40 11.91
N ILE A 98 -19.68 5.00 11.26
CA ILE A 98 -20.72 4.13 11.87
C ILE A 98 -20.45 2.70 11.39
N SER A 99 -19.94 1.86 12.29
CA SER A 99 -19.41 0.50 12.01
C SER A 99 -20.52 -0.55 12.08
N ASP A 100 -20.50 -1.46 11.12
CA ASP A 100 -21.17 -2.77 11.17
C ASP A 100 -22.69 -2.57 11.32
N VAL A 101 -23.31 -1.91 10.35
CA VAL A 101 -24.80 -1.81 10.28
C VAL A 101 -25.27 -2.50 8.99
N LYS A 102 -26.57 -2.72 8.87
CA LYS A 102 -27.19 -3.33 7.68
C LYS A 102 -27.30 -2.27 6.59
N VAL A 103 -27.01 -2.66 5.35
CA VAL A 103 -27.07 -1.71 4.21
C VAL A 103 -28.51 -1.18 4.06
N ARG A 104 -29.55 -1.93 4.46
CA ARG A 104 -30.94 -1.37 4.42
C ARG A 104 -31.08 -0.13 5.32
N ASP A 105 -30.28 0.05 6.37
CA ASP A 105 -30.39 1.20 7.29
C ASP A 105 -29.99 2.50 6.56
N PHE A 106 -29.08 2.38 5.56
CA PHE A 106 -28.70 3.47 4.62
C PHE A 106 -29.80 3.66 3.57
N TRP A 107 -30.15 2.62 2.81
CA TRP A 107 -31.05 2.78 1.63
C TRP A 107 -32.46 3.28 2.06
N ASP A 108 -33.01 2.85 3.19
CA ASP A 108 -34.43 3.12 3.53
C ASP A 108 -34.59 4.60 3.93
N GLY A 109 -33.50 5.28 4.33
CA GLY A 109 -33.45 6.74 4.59
C GLY A 109 -32.96 7.59 3.39
N PHE A 110 -32.75 7.01 2.21
CA PHE A 110 -32.13 7.72 1.05
C PHE A 110 -32.94 8.98 0.71
N GLU A 111 -34.27 8.82 0.62
CA GLU A 111 -35.22 9.88 0.23
C GLU A 111 -36.20 10.24 1.34
N ILE A 112 -36.40 9.41 2.35
CA ILE A 112 -37.41 9.67 3.42
C ILE A 112 -36.65 10.06 4.68
N ILE A 113 -36.69 11.35 4.99
CA ILE A 113 -35.83 11.95 6.04
C ILE A 113 -36.21 11.37 7.40
N CYS A 114 -37.50 11.06 7.66
CA CYS A 114 -37.99 10.55 8.96
C CYS A 114 -37.53 9.11 9.17
N LYS A 115 -36.90 8.45 8.21
CA LYS A 115 -36.31 7.11 8.44
C LYS A 115 -34.80 7.14 8.65
N ARG A 116 -34.16 8.31 8.60
CA ARG A 116 -32.68 8.40 8.67
C ARG A 116 -32.15 8.18 10.09
N LEU A 117 -31.00 7.51 10.22
CA LEU A 117 -30.27 7.45 11.51
C LEU A 117 -30.04 8.87 12.03
N ARG A 118 -30.12 9.05 13.34
CA ARG A 118 -30.02 10.37 14.01
C ARG A 118 -28.74 10.43 14.85
N SER A 119 -28.07 11.58 14.83
CA SER A 119 -26.91 11.91 15.72
C SER A 119 -27.45 12.26 17.12
N GLU A 120 -26.57 12.38 18.12
CA GLU A 120 -26.95 12.65 19.56
C GLU A 120 -27.73 13.97 19.68
N ASP A 121 -27.49 14.93 18.79
CA ASP A 121 -28.21 16.23 18.81
C ASP A 121 -29.67 16.02 18.36
N GLY A 122 -30.01 14.79 17.93
CA GLY A 122 -31.35 14.41 17.46
C GLY A 122 -31.65 14.85 16.04
N GLN A 123 -30.63 15.27 15.25
CA GLN A 123 -30.86 15.66 13.83
C GLN A 123 -30.70 14.43 12.95
N PRO A 124 -31.40 14.31 11.80
CA PRO A 124 -31.09 13.23 10.88
C PRO A 124 -29.69 13.44 10.26
N MET A 125 -28.88 12.39 10.15
CA MET A 125 -27.48 12.49 9.67
C MET A 125 -27.42 12.51 8.13
N VAL A 126 -26.41 13.20 7.61
CA VAL A 126 -26.03 13.14 6.17
C VAL A 126 -24.99 12.04 6.07
N LEU A 127 -25.34 10.92 5.43
CA LEU A 127 -24.51 9.69 5.43
C LEU A 127 -23.98 9.38 4.03
N LYS A 128 -22.80 8.78 4.00
CA LYS A 128 -22.16 8.17 2.82
C LYS A 128 -22.00 6.68 3.09
N LEU A 129 -22.41 5.82 2.15
CA LEU A 129 -22.15 4.36 2.20
C LEU A 129 -20.72 4.11 1.71
N LYS A 130 -19.86 3.67 2.62
CA LYS A 130 -18.42 3.37 2.36
C LYS A 130 -18.25 2.04 1.62
N ASP A 131 -17.50 2.04 0.50
CA ASP A 131 -16.92 0.85 -0.18
C ASP A 131 -18.01 -0.20 -0.43
N TRP A 132 -19.05 0.09 -1.23
CA TRP A 132 -20.16 -0.86 -1.49
C TRP A 132 -20.66 -0.73 -2.94
N PRO A 133 -20.76 -1.82 -3.72
CA PRO A 133 -20.18 -3.13 -3.39
C PRO A 133 -18.67 -3.07 -3.11
N PRO A 134 -18.15 -3.94 -2.22
CA PRO A 134 -16.77 -3.86 -1.75
C PRO A 134 -15.72 -4.32 -2.80
N GLY A 135 -14.56 -3.69 -2.77
CA GLY A 135 -13.41 -3.91 -3.66
C GLY A 135 -13.82 -3.98 -5.11
N GLU A 136 -13.60 -5.13 -5.75
CA GLU A 136 -13.87 -5.36 -7.20
C GLU A 136 -15.15 -6.20 -7.38
N ASP A 137 -16.02 -6.29 -6.38
CA ASP A 137 -17.14 -7.28 -6.40
C ASP A 137 -18.36 -6.76 -7.16
N PHE A 138 -18.35 -5.54 -7.74
CA PHE A 138 -19.58 -5.00 -8.39
C PHE A 138 -20.10 -6.02 -9.39
N ARG A 139 -19.22 -6.54 -10.27
CA ARG A 139 -19.64 -7.39 -11.43
C ARG A 139 -20.32 -8.68 -10.96
N ASP A 140 -19.72 -9.31 -9.95
CA ASP A 140 -20.19 -10.60 -9.34
C ASP A 140 -21.52 -10.37 -8.61
N MET A 141 -21.61 -9.30 -7.81
CA MET A 141 -22.82 -9.06 -6.99
C MET A 141 -23.98 -8.61 -7.90
N MET A 142 -23.71 -7.81 -8.94
CA MET A 142 -24.78 -7.14 -9.75
C MET A 142 -24.53 -7.29 -11.26
N PRO A 143 -24.55 -8.51 -11.82
CA PRO A 143 -24.21 -8.73 -13.23
C PRO A 143 -25.13 -8.04 -14.24
N THR A 144 -26.42 -7.88 -13.95
CA THR A 144 -27.37 -7.19 -14.85
C THR A 144 -27.10 -5.67 -14.88
N ARG A 145 -26.76 -5.05 -13.73
CA ARG A 145 -26.37 -3.61 -13.57
C ARG A 145 -25.06 -3.37 -14.33
N PHE A 146 -24.10 -4.26 -14.14
CA PHE A 146 -22.79 -4.23 -14.84
C PHE A 146 -23.02 -4.16 -16.36
N GLU A 147 -23.82 -5.07 -16.89
CA GLU A 147 -24.12 -5.11 -18.35
C GLU A 147 -24.74 -3.77 -18.77
N ASP A 148 -25.79 -3.29 -18.08
CA ASP A 148 -26.56 -2.08 -18.44
C ASP A 148 -25.63 -0.84 -18.49
N LEU A 149 -24.76 -0.70 -17.49
CA LEU A 149 -23.79 0.41 -17.43
C LEU A 149 -22.73 0.25 -18.54
N MET A 150 -21.96 -0.84 -18.56
CA MET A 150 -20.78 -0.97 -19.46
C MET A 150 -21.19 -0.86 -20.94
N GLU A 151 -22.40 -1.30 -21.30
CA GLU A 151 -22.91 -1.24 -22.69
C GLU A 151 -23.31 0.20 -23.08
N ASN A 152 -23.44 1.12 -22.14
CA ASN A 152 -23.99 2.48 -22.44
C ASN A 152 -22.99 3.57 -22.03
N LEU A 153 -21.74 3.23 -21.69
CA LEU A 153 -20.72 4.27 -21.40
C LEU A 153 -20.41 5.04 -22.69
N PRO A 154 -20.37 6.39 -22.62
CA PRO A 154 -19.91 7.20 -23.76
C PRO A 154 -18.42 6.99 -24.06
N LEU A 155 -17.97 7.40 -25.25
CA LEU A 155 -16.54 7.33 -25.70
C LEU A 155 -16.02 5.91 -25.46
N PRO A 156 -16.71 4.88 -26.00
CA PRO A 156 -16.40 3.48 -25.63
C PRO A 156 -15.00 2.99 -26.03
N GLU A 157 -14.34 3.58 -27.04
CA GLU A 157 -12.93 3.18 -27.38
C GLU A 157 -11.97 3.56 -26.26
N TYR A 158 -12.31 4.57 -25.48
CA TYR A 158 -11.57 4.99 -24.26
C TYR A 158 -12.06 4.20 -23.03
N THR A 159 -13.37 4.03 -22.83
CA THR A 159 -13.92 3.64 -21.51
C THR A 159 -14.17 2.12 -21.36
N LYS A 160 -14.36 1.35 -22.42
CA LYS A 160 -14.61 -0.12 -22.29
C LYS A 160 -13.31 -0.82 -21.88
N ARG A 161 -13.39 -1.92 -21.11
CA ARG A 161 -12.17 -2.62 -20.57
C ARG A 161 -11.21 -2.94 -21.73
N ASP A 162 -11.76 -3.29 -22.88
CA ASP A 162 -11.02 -3.76 -24.08
C ASP A 162 -11.10 -2.72 -25.23
N GLY A 163 -11.53 -1.48 -24.97
CA GLY A 163 -11.53 -0.43 -26.02
C GLY A 163 -10.14 -0.22 -26.57
N ARG A 164 -10.03 0.17 -27.83
CA ARG A 164 -8.73 0.29 -28.58
C ARG A 164 -7.86 1.41 -27.98
N LEU A 165 -8.42 2.42 -27.30
CA LEU A 165 -7.64 3.55 -26.74
C LEU A 165 -7.63 3.48 -25.22
N ASN A 166 -7.91 2.30 -24.66
CA ASN A 166 -7.75 2.04 -23.21
C ASN A 166 -6.52 1.13 -23.05
N LEU A 167 -5.42 1.68 -22.56
CA LEU A 167 -4.18 0.91 -22.35
C LEU A 167 -4.18 0.13 -21.01
N ALA A 168 -5.27 0.10 -20.23
CA ALA A 168 -5.25 -0.53 -18.88
C ALA A 168 -4.71 -1.96 -18.97
N SER A 169 -5.20 -2.74 -19.93
CA SER A 169 -4.91 -4.18 -20.02
C SER A 169 -3.62 -4.43 -20.82
N ARG A 170 -2.90 -3.39 -21.24
CA ARG A 170 -1.80 -3.51 -22.23
C ARG A 170 -0.47 -3.05 -21.62
N LEU A 171 -0.43 -2.60 -20.37
CA LEU A 171 0.76 -1.90 -19.83
C LEU A 171 1.60 -2.85 -18.99
N PRO A 172 2.93 -2.71 -18.98
CA PRO A 172 3.75 -3.46 -18.03
C PRO A 172 3.74 -2.83 -16.63
N SER A 173 4.40 -3.51 -15.68
CA SER A 173 4.38 -3.25 -14.23
C SER A 173 5.07 -1.93 -13.92
N TYR A 174 5.77 -1.36 -14.90
CA TYR A 174 6.36 -0.01 -14.82
C TYR A 174 5.24 1.05 -14.70
N PHE A 175 3.97 0.68 -14.94
CA PHE A 175 2.78 1.58 -14.82
C PHE A 175 1.86 1.07 -13.72
N VAL A 176 1.24 1.98 -12.96
CA VAL A 176 0.21 1.66 -11.94
C VAL A 176 -1.07 1.36 -12.71
N ARG A 177 -1.57 0.14 -12.64
CA ARG A 177 -2.79 -0.28 -13.38
C ARG A 177 -4.01 -0.06 -12.48
N PRO A 178 -5.16 0.37 -13.01
CA PRO A 178 -6.37 0.53 -12.19
C PRO A 178 -6.97 -0.83 -11.81
N ASP A 179 -7.69 -0.91 -10.69
CA ASP A 179 -8.45 -2.11 -10.26
C ASP A 179 -9.56 -2.31 -11.29
N LEU A 180 -10.12 -3.52 -11.35
CA LEU A 180 -11.34 -3.86 -12.13
C LEU A 180 -12.54 -3.14 -11.48
N GLY A 181 -13.31 -2.41 -12.27
CA GLY A 181 -14.47 -1.62 -11.79
C GLY A 181 -15.72 -2.27 -12.32
N PRO A 182 -16.83 -1.53 -12.46
CA PRO A 182 -16.95 -0.19 -11.88
C PRO A 182 -17.03 -0.18 -10.35
N LYS A 183 -17.11 1.02 -9.78
CA LYS A 183 -17.29 1.31 -8.33
C LYS A 183 -18.54 2.21 -8.19
N MET A 184 -19.33 1.91 -7.18
CA MET A 184 -20.60 2.62 -6.90
C MET A 184 -20.31 3.60 -5.78
N TYR A 185 -20.85 4.82 -5.87
CA TYR A 185 -20.69 5.92 -4.87
C TYR A 185 -22.09 6.43 -4.48
N ASN A 186 -22.48 6.16 -3.23
CA ASN A 186 -23.85 6.37 -2.73
C ASN A 186 -23.76 7.27 -1.49
N ALA A 187 -24.42 8.42 -1.50
CA ALA A 187 -24.46 9.30 -0.32
C ALA A 187 -25.66 10.23 -0.34
N TYR A 188 -26.10 10.65 0.85
CA TYR A 188 -27.22 11.62 1.01
C TYR A 188 -26.75 13.01 0.53
N GLY A 189 -27.70 13.92 0.30
CA GLY A 189 -27.42 15.33 -0.02
C GLY A 189 -27.10 16.13 1.22
N LEU A 190 -26.14 17.04 1.11
CA LEU A 190 -25.84 18.03 2.17
C LEU A 190 -26.96 19.10 2.18
N ILE A 191 -27.31 19.60 3.37
CA ILE A 191 -28.64 20.25 3.59
C ILE A 191 -28.47 21.71 4.06
N THR A 192 -27.75 21.97 5.13
CA THR A 192 -27.78 23.29 5.82
C THR A 192 -26.73 24.24 5.25
N ALA A 193 -26.80 25.51 5.68
CA ALA A 193 -25.81 26.57 5.39
C ALA A 193 -24.42 26.10 5.86
N GLU A 194 -24.31 25.54 7.06
CA GLU A 194 -23.03 24.99 7.59
C GLU A 194 -22.54 23.82 6.72
N ASP A 195 -23.45 23.03 6.14
CA ASP A 195 -23.09 21.87 5.28
C ASP A 195 -22.34 22.36 4.01
N ARG A 196 -22.48 23.64 3.63
CA ARG A 196 -21.88 24.23 2.40
C ARG A 196 -20.34 24.13 2.43
N ARG A 197 -19.72 24.04 3.61
CA ARG A 197 -18.25 24.04 3.80
C ARG A 197 -17.68 22.61 3.86
N VAL A 198 -18.50 21.58 3.66
CA VAL A 198 -18.06 20.17 3.84
C VAL A 198 -18.19 19.46 2.48
N GLY A 199 -17.39 18.42 2.25
CA GLY A 199 -17.50 17.59 1.03
C GLY A 199 -18.18 16.26 1.28
N THR A 200 -18.77 15.71 0.22
CA THR A 200 -19.15 14.27 0.16
C THR A 200 -17.88 13.44 -0.08
N THR A 201 -17.05 13.86 -1.04
CA THR A 201 -15.68 13.35 -1.24
C THR A 201 -14.69 14.51 -1.22
N ASN A 202 -13.68 14.40 -0.36
CA ASN A 202 -12.66 15.45 -0.17
C ASN A 202 -11.73 15.54 -1.38
N LEU A 203 -11.02 16.67 -1.49
CA LEU A 203 -10.04 16.89 -2.58
C LEU A 203 -8.99 15.76 -2.60
N HIS A 204 -8.76 15.18 -3.78
CA HIS A 204 -7.80 14.08 -4.02
C HIS A 204 -7.52 13.97 -5.51
N LEU A 205 -6.56 13.13 -5.92
CA LEU A 205 -6.29 12.88 -7.35
C LEU A 205 -6.11 11.38 -7.55
N ASP A 206 -6.34 10.91 -8.76
CA ASP A 206 -6.20 9.50 -9.18
C ASP A 206 -5.13 9.44 -10.27
N VAL A 207 -4.42 8.33 -10.40
CA VAL A 207 -3.33 8.20 -11.42
C VAL A 207 -3.86 7.70 -12.75
N SER A 208 -5.10 7.21 -12.77
N SER A 208 -5.11 7.21 -12.76
CA SER A 208 -5.84 6.78 -13.98
CA SER A 208 -5.83 6.80 -13.98
C SER A 208 -6.92 7.82 -14.34
C SER A 208 -6.88 7.85 -14.35
N ASP A 209 -7.40 7.77 -15.58
CA ASP A 209 -8.57 8.55 -16.04
C ASP A 209 -9.83 7.87 -15.44
N ALA A 210 -10.95 8.58 -15.34
CA ALA A 210 -12.24 8.00 -14.89
C ALA A 210 -13.40 8.67 -15.60
N VAL A 211 -14.49 7.92 -15.79
CA VAL A 211 -15.83 8.43 -16.17
C VAL A 211 -16.80 8.12 -15.02
N ASN A 212 -17.49 9.14 -14.51
CA ASN A 212 -18.44 9.05 -13.37
C ASN A 212 -19.84 9.39 -13.89
N VAL A 213 -20.76 8.42 -13.88
CA VAL A 213 -22.16 8.58 -14.37
C VAL A 213 -23.16 8.71 -13.21
N MET A 214 -24.00 9.76 -13.22
CA MET A 214 -25.12 9.96 -12.28
C MET A 214 -26.32 9.14 -12.77
N VAL A 215 -26.61 8.01 -12.10
CA VAL A 215 -27.68 7.05 -12.54
C VAL A 215 -28.97 7.32 -11.77
N TYR A 216 -28.94 8.00 -10.64
CA TYR A 216 -30.16 8.32 -9.85
C TYR A 216 -29.92 9.53 -8.97
N VAL A 217 -30.88 10.44 -8.93
CA VAL A 217 -30.94 11.59 -7.99
C VAL A 217 -32.26 11.50 -7.19
N GLY A 218 -32.13 11.43 -5.86
CA GLY A 218 -33.28 11.33 -4.95
C GLY A 218 -33.53 12.67 -4.30
N ILE A 219 -34.66 13.31 -4.60
CA ILE A 219 -35.04 14.59 -3.95
C ILE A 219 -35.95 14.23 -2.78
N PRO A 220 -35.53 14.48 -1.51
CA PRO A 220 -36.22 13.95 -0.34
C PRO A 220 -37.58 14.60 -0.04
N ILE A 221 -38.19 14.16 1.07
CA ILE A 221 -39.56 14.52 1.53
C ILE A 221 -39.62 14.43 3.06
N GLY A 222 -40.49 15.21 3.68
CA GLY A 222 -40.61 15.40 5.14
C GLY A 222 -40.02 16.72 5.55
N GLU A 223 -38.73 16.91 5.28
CA GLU A 223 -38.04 18.23 5.22
C GLU A 223 -37.97 18.62 3.74
N GLY A 224 -39.10 18.49 3.04
CA GLY A 224 -39.24 18.67 1.58
C GLY A 224 -39.84 20.03 1.23
N ALA A 225 -38.99 20.93 0.72
CA ALA A 225 -39.27 22.32 0.33
C ALA A 225 -37.94 23.09 0.38
N HIS A 226 -36.86 22.35 0.10
CA HIS A 226 -35.44 22.66 0.43
C HIS A 226 -34.71 23.12 -0.85
N ASP A 227 -35.43 23.83 -1.72
CA ASP A 227 -35.05 24.14 -3.12
C ASP A 227 -34.07 25.33 -3.15
N GLU A 228 -34.08 26.17 -2.10
CA GLU A 228 -33.44 27.52 -2.12
C GLU A 228 -32.01 27.46 -1.60
N GLU A 229 -31.70 26.58 -0.65
CA GLU A 229 -30.30 26.41 -0.14
C GLU A 229 -29.48 25.71 -1.23
N VAL A 230 -30.10 24.87 -2.07
CA VAL A 230 -29.47 24.19 -3.25
C VAL A 230 -29.01 25.26 -4.24
N LEU A 231 -29.82 26.30 -4.48
CA LEU A 231 -29.49 27.41 -5.43
C LEU A 231 -28.34 28.27 -4.91
N LYS A 232 -28.38 28.61 -3.62
N LYS A 232 -28.40 28.63 -3.63
CA LYS A 232 -27.31 29.40 -2.95
CA LYS A 232 -27.33 29.38 -2.92
C LYS A 232 -25.99 28.61 -2.94
C LYS A 232 -26.01 28.60 -3.01
N THR A 233 -26.06 27.28 -2.86
CA THR A 233 -24.83 26.41 -2.90
C THR A 233 -24.18 26.44 -4.29
N ILE A 234 -25.01 26.29 -5.33
CA ILE A 234 -24.60 26.33 -6.75
C ILE A 234 -24.02 27.73 -7.05
N ASP A 235 -24.68 28.77 -6.55
CA ASP A 235 -24.27 30.19 -6.80
C ASP A 235 -22.90 30.46 -6.16
N GLU A 236 -22.78 30.17 -4.87
CA GLU A 236 -21.54 30.33 -4.06
C GLU A 236 -20.46 29.34 -4.57
N GLY A 237 -20.86 28.25 -5.21
CA GLY A 237 -19.95 27.27 -5.82
C GLY A 237 -19.31 27.75 -7.11
N ASP A 238 -19.79 28.90 -7.63
CA ASP A 238 -19.19 29.65 -8.75
C ASP A 238 -19.68 29.05 -10.07
N ALA A 239 -20.86 28.43 -10.09
CA ALA A 239 -21.44 27.82 -11.31
C ALA A 239 -21.79 28.92 -12.32
N ASP A 240 -21.66 28.62 -13.62
CA ASP A 240 -21.89 29.57 -14.74
C ASP A 240 -23.39 29.74 -14.99
N GLU A 241 -23.76 30.80 -15.71
CA GLU A 241 -25.17 31.21 -15.95
C GLU A 241 -25.88 30.17 -16.83
N VAL A 242 -25.17 29.56 -17.77
CA VAL A 242 -25.75 28.53 -18.69
C VAL A 242 -26.16 27.28 -17.87
N THR A 243 -25.31 26.87 -16.92
CA THR A 243 -25.55 25.75 -15.96
C THR A 243 -26.80 26.07 -15.15
N LYS A 244 -26.93 27.31 -14.65
CA LYS A 244 -28.12 27.71 -13.85
C LYS A 244 -29.40 27.67 -14.71
N GLU A 245 -29.32 27.91 -16.01
CA GLU A 245 -30.49 27.81 -16.94
C GLU A 245 -31.00 26.36 -17.08
N ARG A 246 -30.17 25.31 -16.87
CA ARG A 246 -30.61 23.87 -16.95
C ARG A 246 -31.70 23.56 -15.90
N ILE A 247 -31.62 24.20 -14.73
CA ILE A 247 -32.66 24.11 -13.66
C ILE A 247 -33.90 24.89 -14.11
N HIS A 248 -33.74 26.21 -14.22
CA HIS A 248 -34.84 27.21 -14.33
C HIS A 248 -35.63 27.00 -15.62
N ASP A 249 -34.97 26.65 -16.73
CA ASP A 249 -35.62 26.53 -18.06
C ASP A 249 -36.03 25.07 -18.34
N HIS A 250 -35.18 24.06 -18.08
CA HIS A 250 -35.38 22.66 -18.55
C HIS A 250 -35.85 21.72 -17.42
N LYS A 251 -35.80 22.18 -16.17
CA LYS A 251 -36.28 21.42 -14.97
C LYS A 251 -35.51 20.10 -14.80
N GLU A 252 -34.23 20.03 -15.18
CA GLU A 252 -33.38 18.81 -14.93
C GLU A 252 -33.06 18.70 -13.43
N LYS A 253 -32.80 17.47 -12.94
CA LYS A 253 -32.49 17.21 -11.50
C LYS A 253 -30.99 17.33 -11.25
N PRO A 254 -30.53 18.31 -10.45
CA PRO A 254 -29.11 18.44 -10.09
C PRO A 254 -28.73 17.48 -8.95
N GLY A 255 -27.64 16.74 -9.12
CA GLY A 255 -27.14 15.75 -8.15
C GLY A 255 -26.01 16.28 -7.31
N ALA A 256 -24.89 16.72 -7.95
CA ALA A 256 -23.65 17.04 -7.22
C ALA A 256 -22.91 18.23 -7.85
N LEU A 257 -22.27 19.02 -6.98
CA LEU A 257 -21.34 20.12 -7.36
C LEU A 257 -19.90 19.62 -7.25
N TRP A 258 -19.18 19.63 -8.37
CA TRP A 258 -17.76 19.25 -8.48
C TRP A 258 -16.90 20.52 -8.61
N HIS A 259 -15.72 20.53 -8.00
CA HIS A 259 -14.57 21.38 -8.44
C HIS A 259 -13.47 20.47 -8.96
N ILE A 260 -12.97 20.74 -10.17
CA ILE A 260 -11.81 20.01 -10.76
C ILE A 260 -10.74 21.04 -11.14
N TYR A 261 -9.47 20.68 -10.93
CA TYR A 261 -8.28 21.50 -11.21
C TYR A 261 -7.35 20.73 -12.16
N ALA A 262 -6.69 21.45 -13.06
CA ALA A 262 -5.72 20.88 -14.02
C ALA A 262 -4.61 20.15 -13.26
N ALA A 263 -4.15 19.01 -13.75
CA ALA A 263 -3.00 18.26 -13.19
C ALA A 263 -1.79 19.17 -12.98
N LYS A 264 -1.56 20.12 -13.89
CA LYS A 264 -0.35 20.98 -13.80
C LYS A 264 -0.42 21.87 -12.56
N ASP A 265 -1.60 22.07 -11.94
CA ASP A 265 -1.80 23.02 -10.81
C ASP A 265 -1.71 22.29 -9.45
N ALA A 266 -1.50 20.97 -9.42
CA ALA A 266 -1.49 20.15 -8.18
C ALA A 266 -0.49 20.65 -7.13
N GLU A 267 0.74 21.03 -7.53
CA GLU A 267 1.77 21.44 -6.52
C GLU A 267 1.38 22.80 -5.93
N LYS A 268 0.86 23.75 -6.73
CA LYS A 268 0.35 25.04 -6.21
C LYS A 268 -0.75 24.79 -5.17
N ILE A 269 -1.66 23.87 -5.44
CA ILE A 269 -2.71 23.51 -4.45
C ILE A 269 -2.02 22.92 -3.21
N ARG A 270 -1.03 22.04 -3.35
CA ARG A 270 -0.31 21.51 -2.15
C ARG A 270 0.29 22.68 -1.32
N GLU A 271 0.83 23.72 -1.97
CA GLU A 271 1.46 24.85 -1.27
C GLU A 271 0.39 25.63 -0.48
N LEU A 272 -0.77 25.91 -1.07
CA LEU A 272 -1.87 26.59 -0.33
C LEU A 272 -2.23 25.80 0.95
N LEU A 273 -2.40 24.48 0.83
CA LEU A 273 -2.96 23.65 1.93
C LEU A 273 -1.90 23.42 3.01
N ARG A 274 -0.61 23.44 2.67
CA ARG A 274 0.49 23.47 3.68
C ARG A 274 0.42 24.78 4.48
N LYS A 275 0.23 25.92 3.81
CA LYS A 275 0.17 27.26 4.47
C LYS A 275 -1.07 27.30 5.39
N VAL A 276 -2.23 26.91 4.89
CA VAL A 276 -3.47 26.89 5.71
C VAL A 276 -3.32 25.91 6.87
N GLY A 277 -2.86 24.67 6.63
CA GLY A 277 -2.57 23.69 7.71
C GLY A 277 -1.75 24.31 8.83
N GLU A 278 -0.78 25.16 8.51
CA GLU A 278 0.13 25.82 9.49
C GLU A 278 -0.65 26.92 10.23
N GLU A 279 -1.36 27.78 9.50
CA GLU A 279 -2.22 28.82 10.12
C GLU A 279 -3.15 28.17 11.15
N GLN A 280 -3.66 26.98 10.85
CA GLN A 280 -4.68 26.31 11.70
C GLN A 280 -3.98 25.48 12.79
N GLY A 281 -2.67 25.59 12.90
CA GLY A 281 -1.91 24.96 14.00
C GLY A 281 -1.71 23.47 13.80
N GLN A 282 -2.00 22.90 12.63
CA GLN A 282 -1.52 21.52 12.32
C GLN A 282 0.01 21.56 12.42
N GLU A 283 0.63 20.45 12.82
CA GLU A 283 2.10 20.33 12.86
C GLU A 283 2.48 19.25 11.84
N ASN A 284 2.95 19.69 10.67
CA ASN A 284 3.14 18.86 9.46
C ASN A 284 4.56 19.09 8.95
N PRO A 285 5.34 18.03 8.61
CA PRO A 285 6.61 18.19 7.90
C PRO A 285 6.44 18.96 6.58
N PRO A 286 7.49 19.66 6.09
CA PRO A 286 7.33 20.61 4.99
C PRO A 286 7.03 19.95 3.63
N ASP A 287 7.17 18.62 3.56
CA ASP A 287 7.09 17.81 2.32
C ASP A 287 5.79 16.98 2.29
N HIS A 288 4.96 17.02 3.35
CA HIS A 288 3.77 16.12 3.45
C HIS A 288 2.75 16.52 2.37
N ASP A 289 1.89 15.58 1.97
CA ASP A 289 1.03 15.73 0.76
C ASP A 289 -0.43 15.90 1.19
N PRO A 290 -0.93 17.16 1.33
CA PRO A 290 -2.33 17.41 1.72
C PRO A 290 -3.39 16.89 0.74
N ILE A 291 -3.05 16.73 -0.54
CA ILE A 291 -3.97 16.15 -1.57
C ILE A 291 -4.07 14.64 -1.30
N HIS A 292 -2.94 13.94 -1.16
CA HIS A 292 -2.98 12.46 -0.92
C HIS A 292 -3.68 12.16 0.42
N ASP A 293 -3.55 13.03 1.42
CA ASP A 293 -4.24 12.86 2.73
C ASP A 293 -5.76 12.84 2.59
N GLN A 294 -6.32 13.52 1.59
CA GLN A 294 -7.78 13.46 1.27
C GLN A 294 -8.55 13.99 2.49
N SER A 295 -8.00 15.02 3.14
CA SER A 295 -8.53 15.59 4.39
C SER A 295 -9.10 16.99 4.19
N TRP A 296 -8.97 17.61 3.01
CA TRP A 296 -9.45 19.00 2.74
C TRP A 296 -10.67 19.04 1.82
N TYR A 297 -11.61 19.99 2.07
CA TYR A 297 -12.63 20.43 1.09
C TYR A 297 -12.39 21.92 0.87
N LEU A 298 -12.21 22.35 -0.39
CA LEU A 298 -11.99 23.79 -0.73
C LEU A 298 -13.37 24.47 -0.77
N ASP A 299 -13.70 25.22 0.29
CA ASP A 299 -14.96 26.01 0.40
C ASP A 299 -14.77 27.33 -0.36
N GLN A 300 -15.77 28.22 -0.36
CA GLN A 300 -15.73 29.50 -1.10
C GLN A 300 -14.45 30.28 -0.75
N THR A 301 -14.10 30.33 0.54
CA THR A 301 -12.93 31.11 1.06
C THR A 301 -11.64 30.54 0.48
N LEU A 302 -11.48 29.22 0.50
CA LEU A 302 -10.20 28.60 0.09
C LEU A 302 -10.08 28.66 -1.44
N ARG A 303 -11.20 28.58 -2.16
CA ARG A 303 -11.18 28.66 -3.64
C ARG A 303 -10.76 30.06 -4.07
N LYS A 304 -11.26 31.09 -3.38
CA LYS A 304 -10.95 32.51 -3.72
C LYS A 304 -9.44 32.79 -3.48
N ARG A 305 -8.94 32.32 -2.34
CA ARG A 305 -7.52 32.37 -1.95
C ARG A 305 -6.60 31.63 -2.94
N LEU A 306 -7.04 30.48 -3.44
CA LEU A 306 -6.28 29.70 -4.45
C LEU A 306 -6.13 30.55 -5.70
N TYR A 307 -7.21 31.21 -6.13
CA TYR A 307 -7.26 32.12 -7.30
C TYR A 307 -6.39 33.37 -7.07
N GLU A 308 -6.62 34.11 -5.97
CA GLU A 308 -6.01 35.44 -5.72
C GLU A 308 -4.49 35.28 -5.47
N GLU A 309 -4.08 34.31 -4.65
CA GLU A 309 -2.71 34.17 -4.08
C GLU A 309 -1.80 33.26 -4.93
N TYR A 310 -2.37 32.35 -5.74
CA TYR A 310 -1.61 31.32 -6.47
C TYR A 310 -1.93 31.33 -7.97
N GLY A 311 -2.94 32.10 -8.36
CA GLY A 311 -3.28 32.28 -9.78
C GLY A 311 -3.93 31.05 -10.40
N VAL A 312 -4.57 30.21 -9.58
CA VAL A 312 -5.13 28.91 -10.05
C VAL A 312 -6.66 29.02 -10.15
N GLN A 313 -7.19 28.72 -11.33
CA GLN A 313 -8.66 28.66 -11.60
C GLN A 313 -9.06 27.20 -11.86
N GLY A 314 -10.23 26.78 -11.38
CA GLY A 314 -10.76 25.42 -11.63
C GLY A 314 -12.00 25.48 -12.49
N TRP A 315 -12.63 24.31 -12.64
CA TRP A 315 -13.92 24.10 -13.33
C TRP A 315 -14.93 23.74 -12.24
N ALA A 316 -16.00 24.53 -12.08
CA ALA A 316 -17.13 24.27 -11.18
C ALA A 316 -18.21 23.61 -12.02
N ILE A 317 -18.55 22.36 -11.74
CA ILE A 317 -19.39 21.51 -12.64
C ILE A 317 -20.59 21.02 -11.82
N VAL A 318 -21.80 21.27 -12.29
CA VAL A 318 -23.00 20.65 -11.68
C VAL A 318 -23.35 19.42 -12.50
N GLN A 319 -23.29 18.24 -11.87
CA GLN A 319 -23.60 16.92 -12.51
C GLN A 319 -25.09 16.65 -12.24
N PHE A 320 -25.91 16.71 -13.29
CA PHE A 320 -27.37 16.40 -13.31
C PHE A 320 -27.57 14.89 -13.53
N LEU A 321 -28.78 14.39 -13.26
CA LEU A 321 -29.21 13.01 -13.63
C LEU A 321 -28.78 12.71 -15.08
N GLY A 322 -28.06 11.61 -15.27
CA GLY A 322 -27.62 11.11 -16.58
C GLY A 322 -26.35 11.78 -17.12
N ASP A 323 -25.79 12.78 -16.44
CA ASP A 323 -24.50 13.39 -16.84
C ASP A 323 -23.32 12.45 -16.53
N ALA A 324 -22.42 12.26 -17.49
CA ALA A 324 -21.14 11.57 -17.29
C ALA A 324 -20.02 12.61 -17.22
N VAL A 325 -19.29 12.64 -16.10
CA VAL A 325 -18.11 13.53 -15.90
C VAL A 325 -16.82 12.74 -16.19
N PHE A 326 -16.03 13.20 -17.13
CA PHE A 326 -14.71 12.63 -17.50
C PHE A 326 -13.62 13.39 -16.71
N ILE A 327 -12.91 12.69 -15.81
CA ILE A 327 -11.86 13.29 -14.93
C ILE A 327 -10.46 12.87 -15.41
N PRO A 328 -9.64 13.83 -15.89
CA PRO A 328 -8.29 13.48 -16.35
C PRO A 328 -7.37 12.98 -15.23
N ALA A 329 -6.51 11.99 -15.53
CA ALA A 329 -5.45 11.51 -14.60
C ALA A 329 -4.67 12.70 -14.07
N GLY A 330 -4.42 12.69 -12.75
CA GLY A 330 -3.59 13.69 -12.07
C GLY A 330 -4.35 14.95 -11.70
N ALA A 331 -5.61 15.09 -12.13
CA ALA A 331 -6.44 16.29 -11.87
C ALA A 331 -7.02 16.23 -10.46
N PRO A 332 -6.62 17.13 -9.52
CA PRO A 332 -7.28 17.21 -8.22
C PRO A 332 -8.77 17.51 -8.36
N HIS A 333 -9.62 16.81 -7.59
CA HIS A 333 -11.11 17.03 -7.64
C HIS A 333 -11.78 16.70 -6.29
N GLN A 334 -12.92 17.34 -6.07
CA GLN A 334 -13.78 17.22 -4.88
C GLN A 334 -15.25 17.21 -5.33
N VAL A 335 -16.12 16.60 -4.51
CA VAL A 335 -17.55 16.35 -4.85
C VAL A 335 -18.39 16.74 -3.62
N HIS A 336 -19.51 17.44 -3.85
CA HIS A 336 -20.45 17.93 -2.82
C HIS A 336 -21.88 17.60 -3.31
N ASN A 337 -22.52 16.59 -2.74
CA ASN A 337 -23.88 16.16 -3.17
C ASN A 337 -24.90 17.22 -2.77
N LEU A 338 -25.71 17.65 -3.72
CA LEU A 338 -26.79 18.65 -3.51
C LEU A 338 -28.03 17.90 -3.07
N TYR A 339 -28.32 16.76 -3.69
CA TYR A 339 -29.38 15.82 -3.25
C TYR A 339 -28.76 14.45 -3.06
N SER A 340 -29.59 13.44 -2.72
CA SER A 340 -29.12 12.05 -2.58
C SER A 340 -28.74 11.49 -3.96
N CYS A 341 -27.52 10.97 -4.10
CA CYS A 341 -27.00 10.48 -5.40
C CYS A 341 -26.55 9.03 -5.36
N ILE A 342 -26.82 8.34 -6.46
CA ILE A 342 -26.15 7.07 -6.89
C ILE A 342 -25.27 7.38 -8.10
N LYS A 343 -23.95 7.22 -7.95
CA LYS A 343 -22.98 7.43 -9.04
C LYS A 343 -22.28 6.10 -9.28
N VAL A 344 -21.98 5.77 -10.54
CA VAL A 344 -21.14 4.60 -10.93
C VAL A 344 -19.99 5.11 -11.81
N ALA A 345 -18.78 4.76 -11.45
CA ALA A 345 -17.53 5.24 -12.08
C ALA A 345 -16.70 4.06 -12.59
N GLU A 346 -16.05 4.22 -13.74
CA GLU A 346 -15.09 3.26 -14.31
C GLU A 346 -13.75 3.97 -14.57
N ASP A 347 -12.65 3.34 -14.18
CA ASP A 347 -11.29 3.84 -14.47
C ASP A 347 -10.85 3.35 -15.85
N PHE A 348 -9.94 4.09 -16.52
CA PHE A 348 -9.34 3.73 -17.83
C PHE A 348 -7.99 4.47 -17.97
N VAL A 349 -7.14 4.04 -18.91
CA VAL A 349 -5.81 4.68 -19.14
C VAL A 349 -5.73 5.12 -20.61
N SER A 350 -6.00 6.39 -20.86
CA SER A 350 -5.91 6.97 -22.22
C SER A 350 -4.44 7.20 -22.56
N PRO A 351 -4.09 7.12 -23.86
CA PRO A 351 -2.71 7.37 -24.26
C PRO A 351 -2.28 8.81 -23.92
N GLU A 352 -3.23 9.75 -24.03
CA GLU A 352 -3.07 11.20 -23.73
C GLU A 352 -2.46 11.37 -22.34
N HIS A 353 -2.79 10.53 -21.35
CA HIS A 353 -2.47 10.84 -19.92
C HIS A 353 -1.66 9.73 -19.23
N VAL A 354 -1.18 8.74 -19.99
CA VAL A 354 -0.47 7.55 -19.46
C VAL A 354 0.76 7.99 -18.64
N LYS A 355 1.40 9.10 -18.98
CA LYS A 355 2.51 9.66 -18.16
C LYS A 355 2.13 9.69 -16.67
N HIS A 356 0.87 9.95 -16.30
CA HIS A 356 0.53 10.20 -14.87
C HIS A 356 0.62 8.90 -14.04
N CYS A 357 0.66 7.70 -14.65
CA CYS A 357 0.70 6.40 -13.91
C CYS A 357 2.07 5.69 -14.04
N PHE A 358 3.07 6.31 -14.72
CA PHE A 358 4.44 5.75 -14.91
C PHE A 358 5.21 5.81 -13.57
N ARG A 359 5.93 4.75 -13.21
CA ARG A 359 6.58 4.60 -11.88
C ARG A 359 8.00 5.17 -11.84
N LEU A 360 8.54 5.70 -12.94
CA LEU A 360 9.89 6.33 -12.90
C LEU A 360 9.85 7.83 -13.24
N THR A 361 10.98 8.51 -13.04
CA THR A 361 11.27 9.98 -13.14
C THR A 361 10.13 10.77 -12.50
N MET B 23 41.32 -18.32 25.45
CA MET B 23 42.04 -17.21 24.76
C MET B 23 41.36 -16.90 23.41
N THR B 24 40.43 -17.75 22.94
CA THR B 24 39.48 -17.43 21.83
C THR B 24 38.92 -16.02 22.03
N SER B 25 39.20 -15.11 21.10
CA SER B 25 38.68 -13.72 21.13
C SER B 25 37.14 -13.77 21.02
N HIS B 26 36.46 -13.24 22.03
CA HIS B 26 35.00 -13.20 22.14
C HIS B 26 34.58 -12.08 23.11
N SER B 27 33.30 -11.75 23.10
CA SER B 27 32.63 -10.84 24.06
C SER B 27 31.16 -11.25 24.13
N TRP B 28 30.40 -10.62 25.02
CA TRP B 28 28.97 -10.95 25.27
C TRP B 28 28.17 -9.66 25.05
N LEU B 29 27.16 -9.69 24.19
CA LEU B 29 26.25 -8.54 23.95
C LEU B 29 24.84 -8.93 24.41
N CYS B 30 23.84 -8.07 24.14
CA CYS B 30 22.47 -8.24 24.70
C CYS B 30 22.59 -8.50 26.22
N ASP B 31 23.40 -7.68 26.91
CA ASP B 31 23.51 -7.66 28.39
C ASP B 31 23.93 -9.06 28.88
N GLY B 32 25.05 -9.57 28.34
CA GLY B 32 25.65 -10.88 28.65
C GLY B 32 25.01 -12.11 27.99
N ARG B 33 23.94 -11.98 27.20
CA ARG B 33 23.12 -13.13 26.73
C ARG B 33 23.43 -13.58 25.28
N LEU B 34 24.33 -12.90 24.57
CA LEU B 34 24.66 -13.22 23.15
C LEU B 34 26.17 -13.36 23.01
N LEU B 35 26.64 -14.56 22.67
CA LEU B 35 28.07 -14.82 22.35
C LEU B 35 28.39 -14.10 21.03
N CYS B 36 29.48 -13.34 20.97
CA CYS B 36 30.05 -12.73 19.75
C CYS B 36 31.48 -13.22 19.62
N LEU B 37 31.78 -14.07 18.62
CA LEU B 37 33.17 -14.53 18.31
C LEU B 37 33.81 -13.60 17.27
N HIS B 38 35.06 -13.18 17.48
CA HIS B 38 35.69 -12.05 16.73
C HIS B 38 36.69 -12.51 15.66
N ASP B 39 37.15 -13.76 15.68
CA ASP B 39 38.05 -14.28 14.63
C ASP B 39 37.32 -15.39 13.88
N PRO B 40 36.81 -15.11 12.66
CA PRO B 40 35.98 -16.05 11.92
C PRO B 40 36.72 -17.36 11.58
N SER B 41 38.07 -17.33 11.51
CA SER B 41 38.90 -18.50 11.15
C SER B 41 39.57 -19.19 12.36
N ASN B 42 39.31 -18.78 13.61
CA ASN B 42 39.93 -19.43 14.81
C ASN B 42 39.35 -20.85 14.95
N LYS B 43 40.21 -21.87 14.94
CA LYS B 43 39.84 -23.31 14.95
C LYS B 43 39.20 -23.71 16.30
N ASN B 44 39.33 -22.87 17.35
CA ASN B 44 38.74 -23.16 18.69
C ASN B 44 37.33 -22.54 18.86
N ASN B 45 36.75 -21.91 17.83
CA ASN B 45 35.45 -21.18 17.92
C ASN B 45 34.38 -22.12 18.50
N TRP B 46 34.43 -23.41 18.16
CA TRP B 46 33.42 -24.42 18.56
C TRP B 46 33.29 -24.53 20.10
N LYS B 47 34.34 -24.26 20.87
CA LYS B 47 34.41 -24.60 22.34
C LYS B 47 33.34 -23.85 23.15
N ILE B 48 33.28 -22.53 22.99
CA ILE B 48 32.30 -21.67 23.71
C ILE B 48 30.95 -21.70 22.96
N PHE B 49 30.99 -21.84 21.63
CA PHE B 49 29.79 -21.98 20.78
C PHE B 49 28.87 -23.10 21.28
N ARG B 50 29.44 -24.27 21.59
CA ARG B 50 28.68 -25.55 21.85
C ARG B 50 27.60 -25.33 22.90
N GLU B 51 27.92 -24.83 24.09
CA GLU B 51 26.92 -24.65 25.18
C GLU B 51 25.88 -23.59 24.81
N CYS B 52 26.24 -22.45 24.20
CA CYS B 52 25.22 -21.45 23.76
C CYS B 52 24.22 -22.14 22.80
N TRP B 53 24.72 -22.93 21.86
CA TRP B 53 23.89 -23.59 20.81
C TRP B 53 23.04 -24.70 21.44
N LYS B 54 23.58 -25.44 22.40
CA LYS B 54 22.82 -26.49 23.13
C LYS B 54 21.66 -25.83 23.89
N GLN B 55 21.83 -24.64 24.42
CA GLN B 55 20.75 -23.92 25.14
C GLN B 55 19.75 -23.26 24.17
N GLY B 56 19.96 -23.31 22.85
CA GLY B 56 18.97 -22.81 21.88
C GLY B 56 19.13 -21.32 21.61
N GLN B 57 20.33 -20.78 21.88
CA GLN B 57 20.63 -19.33 21.69
C GLN B 57 21.20 -19.11 20.30
N PRO B 58 20.86 -17.95 19.68
CA PRO B 58 21.63 -17.46 18.54
C PRO B 58 23.05 -17.05 18.98
N VAL B 59 23.95 -16.99 18.02
CA VAL B 59 25.38 -16.62 18.20
C VAL B 59 25.73 -15.73 17.03
N LEU B 60 26.61 -14.76 17.24
CA LEU B 60 27.14 -13.88 16.17
C LEU B 60 28.66 -14.13 15.98
N VAL B 61 29.12 -14.16 14.73
CA VAL B 61 30.58 -14.18 14.41
C VAL B 61 30.86 -12.96 13.53
N SER B 62 31.82 -12.13 13.92
CA SER B 62 32.10 -10.86 13.21
C SER B 62 33.33 -11.03 12.32
N GLY B 63 33.53 -10.14 11.34
CA GLY B 63 34.78 -10.05 10.57
C GLY B 63 34.79 -10.88 9.30
N VAL B 64 33.65 -11.45 8.88
CA VAL B 64 33.65 -12.35 7.69
C VAL B 64 33.94 -11.55 6.39
N HIS B 65 33.62 -10.26 6.33
CA HIS B 65 33.86 -9.40 5.13
C HIS B 65 35.36 -9.32 4.82
N LYS B 66 36.20 -9.43 5.84
CA LYS B 66 37.67 -9.33 5.64
C LYS B 66 38.20 -10.60 4.98
N LYS B 67 37.43 -11.69 4.93
CA LYS B 67 37.86 -12.96 4.30
C LYS B 67 37.39 -13.05 2.85
N LEU B 68 36.47 -12.18 2.39
CA LEU B 68 35.85 -12.29 1.05
C LEU B 68 36.58 -11.34 0.06
N LYS B 69 36.35 -11.56 -1.23
CA LYS B 69 36.73 -10.61 -2.33
C LYS B 69 35.66 -9.52 -2.46
N SER B 70 35.90 -8.34 -1.90
CA SER B 70 34.85 -7.30 -1.74
C SER B 70 34.26 -6.83 -3.09
N GLU B 71 35.03 -6.87 -4.17
CA GLU B 71 34.62 -6.45 -5.55
C GLU B 71 33.56 -7.43 -6.11
N LEU B 72 33.47 -8.66 -5.60
CA LEU B 72 32.43 -9.66 -6.00
C LEU B 72 31.06 -9.32 -5.40
N TRP B 73 30.98 -8.50 -4.35
CA TRP B 73 29.74 -8.33 -3.56
C TRP B 73 29.19 -6.89 -3.65
N LYS B 74 29.43 -6.17 -4.74
CA LYS B 74 29.00 -4.76 -4.92
C LYS B 74 27.74 -4.70 -5.80
N PRO B 75 26.74 -3.87 -5.45
CA PRO B 75 25.55 -3.71 -6.28
C PRO B 75 25.85 -3.44 -7.77
N GLU B 76 26.85 -2.59 -8.06
CA GLU B 76 27.27 -2.19 -9.44
C GLU B 76 27.64 -3.45 -10.24
N ALA B 77 28.27 -4.45 -9.61
CA ALA B 77 28.73 -5.68 -10.31
C ALA B 77 27.53 -6.58 -10.62
N PHE B 78 26.58 -6.72 -9.69
CA PHE B 78 25.36 -7.53 -9.93
C PHE B 78 24.57 -6.90 -11.09
N SER B 79 24.48 -5.57 -11.15
CA SER B 79 23.76 -4.82 -12.20
C SER B 79 24.43 -5.02 -13.56
N GLN B 80 25.76 -4.86 -13.66
CA GLN B 80 26.49 -4.97 -14.96
C GLN B 80 26.46 -6.43 -15.42
N GLU B 81 26.56 -7.38 -14.51
CA GLU B 81 26.66 -8.80 -14.90
C GLU B 81 25.30 -9.40 -15.21
N PHE B 82 24.21 -9.04 -14.50
CA PHE B 82 22.95 -9.82 -14.55
C PHE B 82 21.75 -8.89 -14.77
N GLY B 83 21.99 -7.64 -15.12
CA GLY B 83 20.97 -6.56 -15.12
C GLY B 83 19.84 -6.75 -16.12
N ASP B 84 19.99 -7.61 -17.14
CA ASP B 84 18.95 -7.73 -18.21
C ASP B 84 18.05 -8.94 -17.95
N GLN B 85 18.19 -9.61 -16.81
CA GLN B 85 17.26 -10.66 -16.34
C GLN B 85 15.92 -10.03 -15.90
N ASP B 86 14.83 -10.75 -16.09
CA ASP B 86 13.47 -10.38 -15.64
C ASP B 86 13.26 -10.96 -14.24
N VAL B 87 12.52 -10.25 -13.41
CA VAL B 87 12.43 -10.55 -11.95
C VAL B 87 11.15 -9.90 -11.37
N ASP B 88 10.65 -10.47 -10.26
CA ASP B 88 9.59 -9.87 -9.43
C ASP B 88 10.25 -9.16 -8.25
N LEU B 89 9.70 -8.01 -7.89
CA LEU B 89 10.02 -7.28 -6.65
C LEU B 89 8.81 -7.33 -5.72
N VAL B 90 9.04 -7.06 -4.43
CA VAL B 90 7.98 -6.92 -3.38
C VAL B 90 8.12 -5.54 -2.75
N ASN B 91 7.02 -4.80 -2.70
CA ASN B 91 6.90 -3.52 -1.95
C ASN B 91 6.76 -3.87 -0.46
N CYS B 92 7.77 -3.53 0.35
CA CYS B 92 7.86 -3.94 1.78
C CYS B 92 6.75 -3.26 2.60
N ARG B 93 6.26 -2.10 2.19
CA ARG B 93 5.21 -1.33 2.93
C ARG B 93 3.81 -1.98 2.81
N ASN B 94 3.45 -2.64 1.70
CA ASN B 94 2.06 -3.15 1.47
C ASN B 94 2.06 -4.61 1.00
N CYS B 95 3.21 -5.27 0.88
CA CYS B 95 3.40 -6.67 0.38
C CYS B 95 2.95 -6.84 -1.08
N ALA B 96 2.78 -5.77 -1.86
CA ALA B 96 2.38 -5.88 -3.29
C ALA B 96 3.54 -6.43 -4.16
N ILE B 97 3.25 -7.29 -5.13
CA ILE B 97 4.24 -7.82 -6.11
C ILE B 97 4.31 -6.89 -7.34
N ILE B 98 5.49 -6.35 -7.65
CA ILE B 98 5.82 -5.67 -8.94
C ILE B 98 6.46 -6.72 -9.85
N SER B 99 5.71 -7.20 -10.84
CA SER B 99 6.07 -8.42 -11.62
C SER B 99 6.75 -8.07 -12.94
N ASP B 100 7.79 -8.83 -13.27
CA ASP B 100 8.41 -8.84 -14.61
C ASP B 100 9.03 -7.48 -14.90
N VAL B 101 9.87 -6.98 -14.01
CA VAL B 101 10.78 -5.84 -14.29
C VAL B 101 12.22 -6.34 -14.45
N LYS B 102 13.16 -5.46 -14.75
CA LYS B 102 14.58 -5.79 -14.96
C LYS B 102 15.33 -5.72 -13.62
N VAL B 103 16.13 -6.74 -13.33
CA VAL B 103 17.13 -6.80 -12.22
C VAL B 103 17.86 -5.44 -12.12
N ARG B 104 18.22 -4.79 -13.23
CA ARG B 104 19.00 -3.50 -13.17
C ARG B 104 18.17 -2.37 -12.54
N ASP B 105 16.83 -2.44 -12.65
CA ASP B 105 15.91 -1.41 -12.09
C ASP B 105 15.86 -1.52 -10.56
N PHE B 106 16.09 -2.71 -9.98
CA PHE B 106 16.30 -2.89 -8.52
C PHE B 106 17.68 -2.31 -8.14
N TRP B 107 18.78 -2.79 -8.74
CA TRP B 107 20.15 -2.44 -8.30
C TRP B 107 20.45 -0.96 -8.51
N ASP B 108 19.92 -0.31 -9.54
CA ASP B 108 20.34 1.08 -9.85
C ASP B 108 19.75 2.06 -8.83
N GLY B 109 18.69 1.67 -8.11
CA GLY B 109 18.10 2.41 -6.99
C GLY B 109 18.59 1.99 -5.60
N PHE B 110 19.53 1.05 -5.50
CA PHE B 110 19.96 0.45 -4.21
C PHE B 110 20.43 1.54 -3.23
N GLU B 111 21.18 2.52 -3.73
CA GLU B 111 21.73 3.62 -2.90
C GLU B 111 21.36 5.02 -3.41
N ILE B 112 20.82 5.15 -4.63
CA ILE B 112 20.26 6.43 -5.18
C ILE B 112 18.74 6.41 -5.12
N ILE B 113 18.17 7.13 -4.16
CA ILE B 113 16.71 7.05 -3.86
C ILE B 113 15.90 7.63 -5.03
N CYS B 114 16.41 8.62 -5.76
CA CYS B 114 15.62 9.32 -6.80
C CYS B 114 15.47 8.38 -8.02
N LYS B 115 16.27 7.31 -8.12
CA LYS B 115 16.25 6.32 -9.24
C LYS B 115 15.28 5.17 -8.93
N ARG B 116 14.57 5.18 -7.81
CA ARG B 116 13.74 4.02 -7.39
C ARG B 116 12.38 4.08 -8.09
N LEU B 117 11.82 2.91 -8.42
CA LEU B 117 10.39 2.78 -8.79
C LEU B 117 9.52 3.38 -7.68
N ARG B 118 8.45 4.07 -8.06
CA ARG B 118 7.54 4.81 -7.15
C ARG B 118 6.20 4.11 -7.05
N SER B 119 5.51 4.34 -5.92
CA SER B 119 4.14 3.83 -5.67
C SER B 119 3.13 4.89 -6.17
N GLU B 120 1.85 4.56 -6.16
CA GLU B 120 0.69 5.39 -6.56
C GLU B 120 0.81 6.83 -6.02
N ASP B 121 1.40 6.99 -4.83
CA ASP B 121 1.42 8.27 -4.07
C ASP B 121 2.61 9.13 -4.51
N GLY B 122 3.37 8.69 -5.52
CA GLY B 122 4.58 9.38 -5.99
C GLY B 122 5.82 9.11 -5.14
N GLN B 123 5.72 8.33 -4.05
CA GLN B 123 6.89 8.09 -3.17
C GLN B 123 7.79 6.99 -3.73
N PRO B 124 9.12 7.11 -3.53
CA PRO B 124 10.04 6.00 -3.82
C PRO B 124 9.70 4.78 -2.96
N MET B 125 9.66 3.59 -3.58
CA MET B 125 9.28 2.34 -2.88
C MET B 125 10.50 1.76 -2.12
N VAL B 126 10.22 1.14 -0.99
CA VAL B 126 11.18 0.25 -0.29
C VAL B 126 10.93 -1.15 -0.84
N LEU B 127 11.87 -1.67 -1.61
CA LEU B 127 11.68 -2.90 -2.38
C LEU B 127 12.62 -4.02 -1.93
N LYS B 128 12.17 -5.26 -2.05
CA LYS B 128 13.03 -6.45 -1.91
C LYS B 128 12.96 -7.24 -3.22
N LEU B 129 14.10 -7.72 -3.64
CA LEU B 129 14.22 -8.61 -4.80
C LEU B 129 13.71 -9.99 -4.36
N LYS B 130 12.70 -10.52 -5.04
CA LYS B 130 12.10 -11.83 -4.72
C LYS B 130 12.83 -12.97 -5.47
N ASP B 131 13.21 -14.01 -4.74
CA ASP B 131 13.64 -15.33 -5.30
C ASP B 131 14.75 -15.12 -6.34
N TRP B 132 15.86 -14.50 -5.96
CA TRP B 132 16.97 -14.23 -6.91
C TRP B 132 18.32 -14.46 -6.26
N PRO B 133 19.26 -15.20 -6.88
CA PRO B 133 18.97 -16.05 -8.04
C PRO B 133 17.82 -17.03 -7.74
N PRO B 134 17.02 -17.43 -8.75
CA PRO B 134 15.83 -18.27 -8.51
C PRO B 134 16.15 -19.72 -8.08
N GLY B 135 15.32 -20.25 -7.18
CA GLY B 135 15.39 -21.61 -6.65
C GLY B 135 16.79 -21.94 -6.18
N GLU B 136 17.45 -22.89 -6.84
CA GLU B 136 18.78 -23.44 -6.45
C GLU B 136 19.84 -22.95 -7.44
N ASP B 137 19.55 -21.90 -8.21
CA ASP B 137 20.42 -21.48 -9.35
C ASP B 137 21.68 -20.77 -8.87
N PHE B 138 21.82 -20.45 -7.58
CA PHE B 138 22.94 -19.63 -7.06
C PHE B 138 24.26 -20.23 -7.55
N ARG B 139 24.48 -21.54 -7.37
CA ARG B 139 25.76 -22.19 -7.72
C ARG B 139 26.07 -22.04 -9.21
N ASP B 140 25.09 -22.29 -10.09
CA ASP B 140 25.27 -22.25 -11.57
C ASP B 140 25.37 -20.82 -12.07
N MET B 141 24.53 -19.90 -11.56
CA MET B 141 24.51 -18.51 -12.06
C MET B 141 25.76 -17.77 -11.56
N MET B 142 26.22 -18.06 -10.34
CA MET B 142 27.26 -17.24 -9.66
C MET B 142 28.35 -18.13 -9.05
N PRO B 143 29.06 -18.95 -9.86
CA PRO B 143 30.03 -19.91 -9.31
C PRO B 143 31.20 -19.28 -8.53
N THR B 144 31.72 -18.11 -8.93
CA THR B 144 32.86 -17.46 -8.21
C THR B 144 32.37 -16.97 -6.84
N ARG B 145 31.18 -16.35 -6.76
CA ARG B 145 30.49 -15.95 -5.49
C ARG B 145 30.22 -17.17 -4.59
N PHE B 146 29.68 -18.27 -5.12
CA PHE B 146 29.47 -19.53 -4.38
C PHE B 146 30.78 -19.95 -3.71
N GLU B 147 31.87 -20.02 -4.49
CA GLU B 147 33.21 -20.46 -4.00
C GLU B 147 33.71 -19.49 -2.91
N ASP B 148 33.64 -18.18 -3.16
CA ASP B 148 34.12 -17.12 -2.21
C ASP B 148 33.36 -17.26 -0.88
N LEU B 149 32.04 -17.51 -0.90
CA LEU B 149 31.26 -17.60 0.37
C LEU B 149 31.57 -18.91 1.10
N MET B 150 31.42 -20.07 0.44
CA MET B 150 31.50 -21.39 1.13
C MET B 150 32.90 -21.62 1.69
N GLU B 151 33.96 -21.18 1.01
CA GLU B 151 35.34 -21.34 1.51
C GLU B 151 35.52 -20.51 2.79
N ASN B 152 34.66 -19.53 3.09
CA ASN B 152 34.97 -18.57 4.19
C ASN B 152 33.85 -18.53 5.25
N LEU B 153 32.88 -19.43 5.19
CA LEU B 153 31.81 -19.56 6.23
C LEU B 153 32.46 -19.91 7.56
N PRO B 154 32.10 -19.20 8.66
CA PRO B 154 32.58 -19.59 9.98
C PRO B 154 31.92 -20.88 10.50
N LEU B 155 32.49 -21.45 11.56
CA LEU B 155 32.15 -22.78 12.13
C LEU B 155 31.96 -23.80 10.98
N PRO B 156 33.02 -23.96 10.15
CA PRO B 156 32.92 -24.76 8.92
C PRO B 156 32.52 -26.23 9.18
N GLU B 157 32.89 -26.82 10.33
CA GLU B 157 32.55 -28.24 10.67
C GLU B 157 31.04 -28.39 10.80
N TYR B 158 30.34 -27.29 11.12
CA TYR B 158 28.87 -27.21 11.25
C TYR B 158 28.20 -26.76 9.94
N THR B 159 28.83 -25.85 9.19
CA THR B 159 28.13 -25.08 8.11
C THR B 159 28.43 -25.58 6.68
N LYS B 160 29.60 -26.16 6.42
CA LYS B 160 29.93 -26.71 5.06
C LYS B 160 29.25 -28.08 4.83
N ARG B 161 28.99 -28.45 3.58
N ARG B 161 29.01 -28.43 3.57
CA ARG B 161 28.27 -29.71 3.21
CA ARG B 161 28.30 -29.67 3.14
C ARG B 161 29.03 -30.91 3.77
C ARG B 161 29.02 -30.91 3.71
N ASP B 162 30.37 -30.92 3.70
CA ASP B 162 31.19 -32.08 4.13
C ASP B 162 31.80 -31.81 5.51
N GLY B 163 31.26 -30.82 6.24
CA GLY B 163 31.56 -30.61 7.67
C GLY B 163 31.35 -31.88 8.49
N ARG B 164 32.27 -32.12 9.43
CA ARG B 164 32.25 -33.29 10.35
C ARG B 164 30.93 -33.32 11.12
N LEU B 165 30.37 -32.16 11.50
CA LEU B 165 29.15 -32.11 12.35
C LEU B 165 27.94 -31.55 11.59
N ASN B 166 28.00 -31.38 10.27
CA ASN B 166 26.77 -31.09 9.47
C ASN B 166 26.15 -32.41 9.06
N LEU B 167 24.90 -32.67 9.48
CA LEU B 167 24.18 -33.94 9.18
C LEU B 167 23.28 -33.85 7.93
N ALA B 168 23.20 -32.70 7.26
CA ALA B 168 22.18 -32.42 6.20
C ALA B 168 22.33 -33.42 5.06
N SER B 169 23.55 -33.77 4.65
CA SER B 169 23.79 -34.67 3.49
C SER B 169 23.61 -36.15 3.85
N ARG B 170 23.59 -36.52 5.12
CA ARG B 170 23.48 -37.94 5.57
C ARG B 170 22.05 -38.33 5.95
N LEU B 171 21.17 -37.41 6.33
CA LEU B 171 19.87 -37.74 6.94
C LEU B 171 18.77 -37.90 5.89
N PRO B 172 17.79 -38.79 6.16
CA PRO B 172 16.61 -38.93 5.30
C PRO B 172 15.72 -37.68 5.26
N SER B 173 14.84 -37.64 4.28
CA SER B 173 13.97 -36.47 3.96
C SER B 173 13.03 -36.12 5.14
N TYR B 174 12.82 -37.02 6.12
CA TYR B 174 11.95 -36.72 7.29
C TYR B 174 12.70 -35.88 8.35
N PHE B 175 14.00 -35.55 8.14
CA PHE B 175 14.76 -34.59 8.99
C PHE B 175 15.07 -33.30 8.21
N VAL B 176 15.20 -33.36 6.88
CA VAL B 176 15.82 -32.24 6.11
C VAL B 176 15.54 -32.37 4.61
N ARG B 177 15.34 -31.23 3.95
CA ARG B 177 15.16 -31.16 2.47
C ARG B 177 16.49 -31.54 1.82
N PRO B 178 16.48 -32.24 0.68
CA PRO B 178 17.72 -32.61 -0.02
C PRO B 178 18.45 -31.45 -0.73
N ASP B 179 19.77 -31.61 -0.89
CA ASP B 179 20.68 -30.73 -1.68
C ASP B 179 20.45 -29.25 -1.30
N LEU B 180 20.86 -28.87 -0.08
CA LEU B 180 20.83 -27.48 0.44
C LEU B 180 21.89 -26.68 -0.33
N GLY B 181 21.55 -25.46 -0.78
CA GLY B 181 22.49 -24.48 -1.34
C GLY B 181 22.19 -23.10 -0.77
N PRO B 182 23.10 -22.12 -0.92
CA PRO B 182 22.86 -20.80 -0.36
C PRO B 182 21.76 -20.00 -1.09
N LYS B 183 21.21 -19.02 -0.37
CA LYS B 183 20.10 -18.13 -0.81
C LYS B 183 20.55 -16.71 -0.53
N MET B 184 20.31 -15.81 -1.46
CA MET B 184 20.73 -14.39 -1.40
C MET B 184 19.51 -13.57 -0.99
N TYR B 185 19.63 -12.59 -0.09
CA TYR B 185 18.51 -11.71 0.35
C TYR B 185 18.91 -10.25 0.15
N ASN B 186 18.22 -9.60 -0.78
CA ASN B 186 18.55 -8.27 -1.32
C ASN B 186 17.34 -7.34 -1.08
N ALA B 187 17.48 -6.28 -0.30
CA ALA B 187 16.36 -5.35 -0.10
C ALA B 187 16.86 -3.99 0.36
N TYR B 188 16.07 -2.95 0.07
CA TYR B 188 16.38 -1.54 0.40
C TYR B 188 16.19 -1.39 1.91
N GLY B 189 16.74 -0.31 2.47
CA GLY B 189 16.53 0.08 3.88
C GLY B 189 15.18 0.74 4.10
N LEU B 190 14.52 0.43 5.21
CA LEU B 190 13.33 1.17 5.67
C LEU B 190 13.74 2.59 6.14
N ILE B 191 12.87 3.60 5.97
CA ILE B 191 13.26 5.06 5.93
C ILE B 191 12.48 5.93 6.93
N THR B 192 11.15 5.87 6.92
CA THR B 192 10.24 6.80 7.65
C THR B 192 9.90 6.29 9.06
N ALA B 193 9.28 7.14 9.87
CA ALA B 193 8.75 6.84 11.22
C ALA B 193 7.70 5.74 11.13
N GLU B 194 6.83 5.79 10.11
CA GLU B 194 5.78 4.77 9.89
C GLU B 194 6.44 3.43 9.52
N ASP B 195 7.58 3.47 8.83
CA ASP B 195 8.37 2.27 8.40
C ASP B 195 8.90 1.53 9.64
N ARG B 196 9.03 2.20 10.79
CA ARG B 196 9.59 1.60 12.02
C ARG B 196 8.77 0.37 12.44
N ARG B 197 7.48 0.31 12.11
CA ARG B 197 6.57 -0.80 12.47
C ARG B 197 6.54 -1.85 11.35
N VAL B 198 7.42 -1.76 10.34
CA VAL B 198 7.38 -2.61 9.12
C VAL B 198 8.59 -3.56 9.15
N GLY B 199 8.41 -4.79 8.68
CA GLY B 199 9.51 -5.75 8.48
C GLY B 199 10.01 -5.77 7.03
N THR B 200 11.33 -5.93 6.85
CA THR B 200 11.91 -6.45 5.60
C THR B 200 11.47 -7.93 5.44
N THR B 201 11.60 -8.70 6.52
CA THR B 201 11.15 -10.12 6.58
C THR B 201 10.28 -10.28 7.82
N ASN B 202 9.03 -10.70 7.64
CA ASN B 202 8.06 -10.82 8.75
C ASN B 202 8.43 -12.00 9.64
N LEU B 203 7.98 -11.96 10.89
CA LEU B 203 8.17 -13.02 11.90
C LEU B 203 7.82 -14.38 11.29
N HIS B 204 8.76 -15.32 11.35
CA HIS B 204 8.58 -16.70 10.83
C HIS B 204 9.56 -17.66 11.54
N LEU B 205 9.46 -18.96 11.29
CA LEU B 205 10.54 -19.90 11.69
C LEU B 205 10.96 -20.74 10.47
N ASP B 206 12.15 -21.34 10.54
CA ASP B 206 12.71 -22.27 9.52
C ASP B 206 12.86 -23.66 10.15
N VAL B 207 12.80 -24.70 9.32
CA VAL B 207 12.74 -26.12 9.79
C VAL B 207 14.18 -26.67 9.99
N SER B 208 15.21 -25.93 9.56
CA SER B 208 16.63 -26.33 9.71
C SER B 208 17.40 -25.23 10.45
N ASP B 209 18.60 -25.51 10.95
CA ASP B 209 19.54 -24.44 11.39
C ASP B 209 19.95 -23.61 10.16
N ALA B 210 20.42 -22.38 10.36
CA ALA B 210 20.96 -21.49 9.30
C ALA B 210 22.02 -20.54 9.85
N VAL B 211 22.93 -20.10 9.00
CA VAL B 211 23.85 -18.96 9.20
C VAL B 211 23.54 -17.91 8.10
N ASN B 212 23.39 -16.64 8.50
CA ASN B 212 23.12 -15.49 7.58
C ASN B 212 24.29 -14.50 7.67
N VAL B 213 25.01 -14.29 6.56
CA VAL B 213 26.19 -13.36 6.45
C VAL B 213 25.80 -12.05 5.73
N MET B 214 26.07 -10.91 6.36
CA MET B 214 25.91 -9.56 5.77
C MET B 214 27.14 -9.30 4.91
N VAL B 215 27.00 -9.30 3.57
CA VAL B 215 28.20 -9.17 2.66
C VAL B 215 28.30 -7.74 2.10
N TYR B 216 27.29 -6.88 2.22
CA TYR B 216 27.38 -5.48 1.74
C TYR B 216 26.31 -4.62 2.42
N VAL B 217 26.69 -3.43 2.84
CA VAL B 217 25.73 -2.45 3.41
C VAL B 217 25.88 -1.13 2.62
N GLY B 218 24.79 -0.67 2.00
CA GLY B 218 24.74 0.52 1.13
C GLY B 218 24.02 1.67 1.79
N ILE B 219 24.78 2.72 2.08
CA ILE B 219 24.32 3.94 2.77
C ILE B 219 24.13 5.07 1.74
N PRO B 220 22.88 5.45 1.36
CA PRO B 220 22.64 6.64 0.52
C PRO B 220 23.10 7.93 1.23
N ILE B 221 23.25 9.06 0.51
CA ILE B 221 23.51 10.42 1.10
C ILE B 221 22.34 11.37 0.80
N ALA B 225 22.37 12.41 5.02
CA ALA B 225 22.58 11.61 6.26
C ALA B 225 21.35 11.71 7.17
N HIS B 226 20.38 10.80 6.98
CA HIS B 226 19.18 10.61 7.84
C HIS B 226 19.44 9.42 8.78
N ASP B 227 20.63 9.42 9.40
CA ASP B 227 21.04 8.59 10.56
C ASP B 227 20.08 8.83 11.74
N GLU B 228 19.20 9.84 11.66
CA GLU B 228 18.27 10.26 12.74
C GLU B 228 17.28 9.15 13.07
N GLU B 229 16.44 8.78 12.10
CA GLU B 229 15.38 7.74 12.24
C GLU B 229 16.05 6.38 12.53
N VAL B 230 17.27 6.17 12.02
CA VAL B 230 18.04 4.91 12.19
C VAL B 230 18.42 4.73 13.68
N LEU B 231 19.02 5.75 14.33
CA LEU B 231 19.42 5.65 15.76
C LEU B 231 18.17 5.51 16.66
N LYS B 232 17.06 6.16 16.31
CA LYS B 232 15.78 6.02 17.05
C LYS B 232 15.21 4.61 16.82
N THR B 233 15.37 4.02 15.64
CA THR B 233 14.84 2.66 15.35
C THR B 233 15.62 1.63 16.18
N ILE B 234 16.94 1.83 16.28
CA ILE B 234 17.89 0.99 17.08
C ILE B 234 17.46 1.03 18.54
N ASP B 235 17.21 2.24 19.05
CA ASP B 235 16.92 2.50 20.49
C ASP B 235 15.57 1.86 20.89
N GLU B 236 14.50 2.24 20.22
CA GLU B 236 13.12 1.70 20.37
C GLU B 236 13.15 0.17 20.12
N GLY B 237 14.07 -0.27 19.24
CA GLY B 237 14.35 -1.68 18.91
C GLY B 237 14.88 -2.47 20.10
N ASP B 238 15.44 -1.79 21.11
CA ASP B 238 15.87 -2.36 22.42
C ASP B 238 17.28 -2.93 22.27
N ALA B 239 18.07 -2.42 21.32
CA ALA B 239 19.52 -2.71 21.21
C ALA B 239 20.22 -2.31 22.52
N ASP B 240 21.31 -2.98 22.87
CA ASP B 240 22.04 -2.80 24.16
C ASP B 240 22.96 -1.59 24.02
N GLU B 241 23.49 -1.06 25.14
CA GLU B 241 24.18 0.25 25.17
C GLU B 241 25.52 0.16 24.46
N VAL B 242 26.17 -1.00 24.46
CA VAL B 242 27.48 -1.21 23.77
C VAL B 242 27.25 -1.02 22.26
N THR B 243 26.27 -1.75 21.71
CA THR B 243 25.79 -1.65 20.30
C THR B 243 25.54 -0.17 19.93
N LYS B 244 24.68 0.53 20.67
CA LYS B 244 24.25 1.94 20.44
C LYS B 244 25.44 2.89 20.41
N GLU B 245 26.30 2.84 21.44
CA GLU B 245 27.49 3.73 21.54
C GLU B 245 28.45 3.35 20.41
N ARG B 246 28.44 2.08 19.99
CA ARG B 246 29.36 1.52 18.96
C ARG B 246 29.07 2.06 17.57
N ILE B 247 27.85 2.54 17.27
CA ILE B 247 27.54 3.12 15.93
C ILE B 247 28.04 4.58 15.90
N HIS B 248 28.99 4.96 16.78
CA HIS B 248 29.85 6.18 16.66
C HIS B 248 31.22 6.05 17.37
N ASP B 249 31.50 4.96 18.10
CA ASP B 249 32.83 4.68 18.74
C ASP B 249 33.82 4.17 17.68
N HIS B 250 33.30 3.49 16.66
CA HIS B 250 33.93 3.26 15.33
C HIS B 250 33.07 3.99 14.29
N LYS B 251 33.30 3.71 13.00
CA LYS B 251 32.28 3.90 11.94
C LYS B 251 32.06 2.55 11.24
N GLU B 252 31.49 1.57 11.97
CA GLU B 252 31.01 0.31 11.35
C GLU B 252 29.66 0.65 10.70
N LYS B 253 29.34 -0.08 9.64
CA LYS B 253 28.11 0.04 8.85
C LYS B 253 27.05 -0.90 9.41
N PRO B 254 26.06 -0.38 10.17
CA PRO B 254 24.95 -1.21 10.66
C PRO B 254 23.93 -1.48 9.53
N GLY B 255 23.55 -2.75 9.34
CA GLY B 255 22.74 -3.17 8.19
C GLY B 255 21.30 -3.46 8.59
N ALA B 256 21.09 -4.37 9.53
CA ALA B 256 19.72 -4.83 9.84
C ALA B 256 19.54 -5.05 11.34
N LEU B 257 18.32 -4.83 11.79
CA LEU B 257 17.87 -5.07 13.17
C LEU B 257 17.04 -6.34 13.14
N TRP B 258 17.52 -7.36 13.85
CA TRP B 258 16.81 -8.64 14.07
C TRP B 258 16.15 -8.65 15.44
N HIS B 259 15.02 -9.34 15.57
CA HIS B 259 14.50 -9.89 16.85
C HIS B 259 14.38 -11.41 16.71
N ILE B 260 15.06 -12.16 17.59
CA ILE B 260 15.09 -13.65 17.57
C ILE B 260 14.53 -14.15 18.90
N TYR B 261 13.68 -15.16 18.84
CA TYR B 261 13.07 -15.84 20.03
C TYR B 261 13.53 -17.30 20.09
N ALA B 262 13.60 -17.85 21.31
CA ALA B 262 13.90 -19.30 21.55
C ALA B 262 12.81 -20.19 20.93
N ALA B 263 13.21 -21.33 20.34
CA ALA B 263 12.25 -22.31 19.73
C ALA B 263 11.16 -22.70 20.74
N LYS B 264 11.51 -22.76 22.03
CA LYS B 264 10.58 -23.20 23.11
C LYS B 264 9.52 -22.13 23.42
N ASP B 265 9.67 -20.88 22.99
CA ASP B 265 8.71 -19.78 23.26
C ASP B 265 7.79 -19.56 22.07
N ALA B 266 7.81 -20.44 21.06
CA ALA B 266 7.06 -20.23 19.80
C ALA B 266 5.56 -20.27 20.12
N GLU B 267 5.09 -21.21 20.94
CA GLU B 267 3.63 -21.47 21.09
C GLU B 267 3.01 -20.31 21.90
N LYS B 268 3.76 -19.77 22.86
CA LYS B 268 3.36 -18.56 23.64
C LYS B 268 3.16 -17.40 22.67
N ILE B 269 4.03 -17.26 21.66
CA ILE B 269 3.98 -16.18 20.64
C ILE B 269 2.71 -16.38 19.81
N ARG B 270 2.39 -17.63 19.46
CA ARG B 270 1.16 -17.96 18.68
C ARG B 270 -0.08 -17.56 19.51
N GLU B 271 -0.08 -17.79 20.82
CA GLU B 271 -1.22 -17.46 21.71
C GLU B 271 -1.47 -15.95 21.60
N LEU B 272 -0.41 -15.15 21.79
CA LEU B 272 -0.50 -13.67 21.74
C LEU B 272 -1.12 -13.24 20.42
N LEU B 273 -0.59 -13.69 19.28
CA LEU B 273 -1.00 -13.18 17.94
C LEU B 273 -2.36 -13.75 17.51
N ARG B 274 -2.82 -14.87 18.08
CA ARG B 274 -4.23 -15.34 17.92
C ARG B 274 -5.16 -14.30 18.56
N LYS B 275 -4.87 -13.94 19.82
CA LYS B 275 -5.63 -12.94 20.63
C LYS B 275 -5.68 -11.62 19.85
N VAL B 276 -4.53 -10.98 19.62
CA VAL B 276 -4.40 -9.65 18.97
C VAL B 276 -5.15 -9.64 17.63
N GLY B 277 -5.04 -10.72 16.84
CA GLY B 277 -5.74 -10.84 15.55
C GLY B 277 -7.25 -10.86 15.72
N GLU B 278 -7.73 -11.44 16.83
CA GLU B 278 -9.17 -11.48 17.20
C GLU B 278 -9.60 -10.04 17.52
N GLU B 279 -8.77 -9.32 18.28
CA GLU B 279 -8.98 -7.89 18.68
C GLU B 279 -9.08 -7.01 17.43
N GLN B 280 -8.41 -7.36 16.34
CA GLN B 280 -8.34 -6.54 15.09
C GLN B 280 -9.34 -7.07 14.05
N GLY B 281 -10.27 -7.97 14.43
CA GLY B 281 -11.39 -8.35 13.58
C GLY B 281 -11.17 -9.63 12.81
N GLN B 282 -9.93 -10.07 12.61
CA GLN B 282 -9.63 -11.36 11.90
C GLN B 282 -10.51 -12.45 12.52
N GLU B 283 -11.14 -13.29 11.69
CA GLU B 283 -11.89 -14.51 12.13
C GLU B 283 -11.07 -15.74 11.74
N ASN B 284 -10.28 -16.26 12.70
CA ASN B 284 -9.35 -17.40 12.50
C ASN B 284 -9.85 -18.56 13.36
N PRO B 285 -9.74 -19.84 12.91
CA PRO B 285 -9.99 -20.99 13.79
C PRO B 285 -9.00 -21.02 14.94
N PRO B 286 -9.28 -21.74 16.05
CA PRO B 286 -8.39 -21.75 17.21
C PRO B 286 -7.05 -22.48 16.97
N ASP B 287 -6.98 -23.28 15.88
CA ASP B 287 -5.80 -24.08 15.43
C ASP B 287 -4.83 -23.21 14.64
N HIS B 288 -5.26 -22.00 14.26
CA HIS B 288 -4.57 -21.10 13.30
C HIS B 288 -3.14 -20.78 13.76
N ASP B 289 -2.18 -20.77 12.81
CA ASP B 289 -0.74 -20.59 13.14
C ASP B 289 -0.25 -19.26 12.58
N PRO B 290 -0.21 -18.20 13.41
CA PRO B 290 0.24 -16.89 12.96
C PRO B 290 1.72 -16.79 12.55
N ILE B 291 2.60 -17.63 13.12
CA ILE B 291 4.05 -17.70 12.71
C ILE B 291 4.11 -18.29 11.30
N HIS B 292 3.43 -19.42 11.07
CA HIS B 292 3.34 -20.05 9.72
C HIS B 292 2.79 -19.05 8.69
N ASP B 293 1.88 -18.14 9.08
CA ASP B 293 1.27 -17.16 8.12
C ASP B 293 2.30 -16.13 7.64
N GLN B 294 3.38 -15.87 8.39
CA GLN B 294 4.43 -14.88 7.99
C GLN B 294 3.78 -13.50 7.77
N SER B 295 2.76 -13.15 8.56
CA SER B 295 1.90 -11.95 8.32
C SER B 295 2.10 -10.89 9.42
N TRP B 296 2.99 -11.11 10.40
CA TRP B 296 3.19 -10.22 11.58
C TRP B 296 4.62 -9.67 11.64
N TYR B 297 4.76 -8.40 11.98
CA TYR B 297 6.04 -7.84 12.48
C TYR B 297 5.80 -7.34 13.90
N LEU B 298 6.54 -7.85 14.88
CA LEU B 298 6.37 -7.42 16.30
C LEU B 298 7.02 -6.06 16.47
N ASP B 299 6.17 -5.02 16.56
CA ASP B 299 6.56 -3.60 16.80
C ASP B 299 6.82 -3.46 18.30
N GLN B 300 7.19 -2.26 18.77
CA GLN B 300 7.51 -2.06 20.21
C GLN B 300 6.28 -2.42 21.05
N THR B 301 5.09 -2.07 20.61
CA THR B 301 3.83 -2.31 21.36
C THR B 301 3.75 -3.83 21.59
N LEU B 302 3.88 -4.60 20.51
CA LEU B 302 3.67 -6.06 20.59
C LEU B 302 4.78 -6.74 21.40
N ARG B 303 6.04 -6.31 21.24
CA ARG B 303 7.20 -6.87 21.99
C ARG B 303 6.99 -6.67 23.49
N LYS B 304 6.64 -5.45 23.91
CA LYS B 304 6.43 -5.10 25.33
C LYS B 304 5.35 -6.02 25.90
N ARG B 305 4.21 -6.09 25.22
CA ARG B 305 3.04 -6.91 25.62
C ARG B 305 3.45 -8.38 25.70
N LEU B 306 4.25 -8.89 24.75
CA LEU B 306 4.73 -10.30 24.74
C LEU B 306 5.53 -10.54 26.02
N TYR B 307 6.38 -9.59 26.41
CA TYR B 307 7.19 -9.66 27.65
C TYR B 307 6.26 -9.68 28.88
N GLU B 308 5.41 -8.65 28.97
N GLU B 308 5.38 -8.68 28.99
CA GLU B 308 4.44 -8.41 30.08
CA GLU B 308 4.51 -8.47 30.16
C GLU B 308 3.56 -9.64 30.27
C GLU B 308 3.52 -9.65 30.31
N GLU B 309 2.72 -9.95 29.28
CA GLU B 309 1.68 -11.02 29.39
C GLU B 309 2.27 -12.43 29.47
N TYR B 310 3.39 -12.78 28.82
CA TYR B 310 3.83 -14.20 28.70
C TYR B 310 5.24 -14.43 29.22
N GLY B 311 5.97 -13.37 29.61
CA GLY B 311 7.36 -13.48 30.15
C GLY B 311 8.41 -13.81 29.09
N VAL B 312 8.14 -13.52 27.81
CA VAL B 312 9.07 -13.88 26.69
C VAL B 312 9.90 -12.66 26.31
N GLN B 313 11.23 -12.80 26.35
CA GLN B 313 12.20 -11.69 26.18
C GLN B 313 12.70 -11.58 24.72
N GLY B 314 13.34 -12.62 24.17
CA GLY B 314 13.97 -12.55 22.82
C GLY B 314 15.26 -11.75 22.80
N TRP B 315 15.99 -11.79 21.68
CA TRP B 315 17.32 -11.14 21.47
C TRP B 315 17.18 -10.05 20.39
N ALA B 316 17.53 -8.79 20.69
CA ALA B 316 17.60 -7.68 19.71
C ALA B 316 19.04 -7.57 19.24
N ILE B 317 19.27 -7.79 17.95
CA ILE B 317 20.62 -7.95 17.35
C ILE B 317 20.75 -6.96 16.18
N VAL B 318 21.76 -6.09 16.23
CA VAL B 318 22.16 -5.29 15.05
C VAL B 318 23.24 -6.08 14.29
N GLN B 319 22.93 -6.46 13.05
CA GLN B 319 23.90 -7.14 12.15
C GLN B 319 24.63 -6.07 11.32
N PHE B 320 25.94 -5.93 11.53
CA PHE B 320 26.83 -5.01 10.80
C PHE B 320 27.48 -5.73 9.62
N LEU B 321 28.16 -4.99 8.75
CA LEU B 321 28.91 -5.57 7.61
C LEU B 321 29.83 -6.68 8.15
N GLY B 322 29.75 -7.87 7.54
CA GLY B 322 30.62 -9.03 7.86
C GLY B 322 30.13 -9.84 9.07
N ASP B 323 29.03 -9.46 9.72
CA ASP B 323 28.46 -10.24 10.84
C ASP B 323 27.68 -11.44 10.27
N ALA B 324 27.98 -12.61 10.83
CA ALA B 324 27.25 -13.87 10.56
C ALA B 324 26.36 -14.16 11.76
N VAL B 325 25.04 -14.26 11.53
CA VAL B 325 24.03 -14.58 12.60
C VAL B 325 23.62 -16.03 12.44
N PHE B 326 23.85 -16.85 13.49
CA PHE B 326 23.48 -18.29 13.58
C PHE B 326 22.10 -18.40 14.22
N ILE B 327 21.14 -18.99 13.52
CA ILE B 327 19.71 -19.06 13.93
C ILE B 327 19.31 -20.52 14.17
N PRO B 328 18.97 -20.93 15.43
CA PRO B 328 18.53 -22.30 15.69
C PRO B 328 17.23 -22.66 14.98
N ALA B 329 17.19 -23.88 14.43
CA ALA B 329 15.95 -24.48 13.86
C ALA B 329 14.76 -24.20 14.80
N GLY B 330 13.65 -23.68 14.27
CA GLY B 330 12.41 -23.45 15.04
C GLY B 330 12.44 -22.16 15.85
N ALA B 331 13.55 -21.41 15.91
CA ALA B 331 13.61 -20.10 16.61
C ALA B 331 12.86 -19.06 15.77
N PRO B 332 11.71 -18.51 16.22
CA PRO B 332 11.02 -17.47 15.43
C PRO B 332 11.85 -16.18 15.35
N HIS B 333 11.84 -15.53 14.19
CA HIS B 333 12.68 -14.34 13.92
C HIS B 333 12.07 -13.42 12.85
N GLN B 334 12.42 -12.15 12.92
CA GLN B 334 11.98 -11.07 11.99
C GLN B 334 13.20 -10.18 11.73
N VAL B 335 13.22 -9.51 10.57
CA VAL B 335 14.36 -8.68 10.15
C VAL B 335 13.84 -7.32 9.67
N HIS B 336 14.51 -6.25 10.07
CA HIS B 336 14.19 -4.86 9.64
C HIS B 336 15.46 -4.21 9.11
N ASN B 337 15.61 -4.02 7.79
CA ASN B 337 16.82 -3.38 7.21
C ASN B 337 16.85 -1.88 7.56
N LEU B 338 17.97 -1.41 8.10
CA LEU B 338 18.24 0.00 8.48
C LEU B 338 18.79 0.73 7.26
N TYR B 339 19.60 0.05 6.46
CA TYR B 339 20.16 0.53 5.17
C TYR B 339 19.93 -0.56 4.13
N SER B 340 20.25 -0.31 2.86
CA SER B 340 20.18 -1.35 1.81
C SER B 340 21.23 -2.44 2.11
N CYS B 341 20.81 -3.71 2.10
CA CYS B 341 21.65 -4.87 2.53
C CYS B 341 21.68 -5.96 1.46
N ILE B 342 22.87 -6.51 1.23
CA ILE B 342 23.03 -7.85 0.57
C ILE B 342 23.40 -8.86 1.67
N LYS B 343 22.54 -9.85 1.92
CA LYS B 343 22.81 -10.99 2.84
C LYS B 343 22.89 -12.30 2.03
N VAL B 344 23.70 -13.27 2.48
CA VAL B 344 23.67 -14.67 1.95
C VAL B 344 23.56 -15.64 3.12
N ALA B 345 22.61 -16.59 3.03
CA ALA B 345 22.24 -17.55 4.11
C ALA B 345 22.45 -18.98 3.62
N GLU B 346 22.90 -19.87 4.50
CA GLU B 346 23.12 -21.32 4.19
C GLU B 346 22.44 -22.12 5.31
N ASP B 347 21.60 -23.09 4.95
CA ASP B 347 20.92 -24.00 5.90
C ASP B 347 21.89 -25.16 6.22
N PHE B 348 21.79 -25.74 7.42
CA PHE B 348 22.57 -26.92 7.87
C PHE B 348 21.78 -27.65 8.97
N VAL B 349 22.27 -28.83 9.38
CA VAL B 349 21.65 -29.61 10.49
C VAL B 349 22.71 -29.99 11.51
N SER B 350 22.67 -29.36 12.67
CA SER B 350 23.59 -29.72 13.78
C SER B 350 23.04 -30.93 14.54
N PRO B 351 23.91 -31.79 15.12
CA PRO B 351 23.47 -32.89 15.99
C PRO B 351 22.62 -32.44 17.19
N GLU B 352 22.96 -31.28 17.75
CA GLU B 352 22.29 -30.68 18.92
C GLU B 352 20.80 -30.45 18.60
N HIS B 353 20.42 -30.21 17.35
CA HIS B 353 19.04 -29.78 17.02
C HIS B 353 18.33 -30.80 16.13
N VAL B 354 18.86 -32.02 15.98
CA VAL B 354 18.28 -33.04 15.06
C VAL B 354 16.84 -33.39 15.48
N LYS B 355 16.58 -33.49 16.78
CA LYS B 355 15.22 -33.82 17.27
C LYS B 355 14.25 -32.72 16.82
N HIS B 356 14.63 -31.44 16.95
CA HIS B 356 13.78 -30.28 16.53
C HIS B 356 13.49 -30.35 15.03
N CYS B 357 14.53 -30.59 14.22
CA CYS B 357 14.47 -30.64 12.74
C CYS B 357 13.45 -31.73 12.31
N PHE B 358 13.40 -32.87 13.02
CA PHE B 358 12.39 -33.94 12.75
C PHE B 358 10.97 -33.39 13.00
N ARG B 359 10.77 -32.79 14.15
CA ARG B 359 9.43 -32.32 14.58
C ARG B 359 8.94 -31.18 13.66
N LEU B 360 9.81 -30.22 13.35
CA LEU B 360 9.45 -29.06 12.49
C LEU B 360 9.16 -29.55 11.08
N THR B 361 9.90 -30.54 10.59
CA THR B 361 9.66 -31.10 9.23
C THR B 361 8.23 -31.70 9.24
N GLN B 362 7.90 -32.48 10.27
CA GLN B 362 6.59 -33.16 10.47
C GLN B 362 5.48 -32.08 10.47
N GLU B 363 5.63 -31.03 11.28
CA GLU B 363 4.62 -29.97 11.43
C GLU B 363 4.49 -29.23 10.10
N PHE B 364 5.57 -29.09 9.32
CA PHE B 364 5.54 -28.33 8.05
C PHE B 364 4.66 -29.10 7.06
N ARG B 365 4.87 -30.41 6.90
CA ARG B 365 4.03 -31.29 6.06
C ARG B 365 2.55 -31.20 6.50
N HIS B 366 2.26 -31.21 7.80
CA HIS B 366 0.85 -31.13 8.32
C HIS B 366 0.21 -29.78 7.95
N LEU B 367 0.92 -28.66 8.11
CA LEU B 367 0.42 -27.31 7.78
C LEU B 367 0.28 -27.17 6.25
N SER B 368 1.05 -27.93 5.47
CA SER B 368 1.04 -27.90 3.98
C SER B 368 -0.35 -28.27 3.46
N ASN B 369 -0.78 -29.53 3.70
CA ASN B 369 -2.00 -30.13 3.11
C ASN B 369 -3.11 -30.18 4.18
C10 S64 C . -29.92 14.71 -33.75
C13 S64 C . -28.19 17.75 -35.39
C15 S64 C . -27.41 15.76 -33.98
C17 S64 C . -23.08 14.53 -34.79
C01 S64 C . -20.26 14.34 -32.37
C03 S64 C . -22.38 14.45 -33.53
C04 S64 C . -23.12 14.40 -32.33
C05 S64 C . -24.48 14.45 -32.35
C06 S64 C . -25.17 14.54 -33.61
C07 S64 C . -26.72 14.58 -33.64
C09 S64 C . -29.22 13.41 -32.85
C11 S64 C . -29.13 15.37 -34.67
C14 S64 C . -26.81 16.70 -34.94
C16 S64 C . -24.44 14.58 -34.80
N08 S64 C . -27.61 13.43 -32.68
O02 S64 C . -20.99 14.41 -33.60
S12 S64 C . -29.63 16.64 -35.29
CL CL D . -14.85 6.51 -28.74
CL CL E . -27.86 -7.19 -11.03
CL CL F . -13.42 11.67 1.23
CL CL G . -1.87 15.89 -18.53
MN MN H . -11.86 10.12 -7.47
CL CL I . 30.03 -15.55 -10.17
MN MN J . 14.46 -17.18 8.11
#